data_3GZE
#
_entry.id   3GZE
#
_cell.length_a   177.250
_cell.length_b   58.750
_cell.length_c   105.160
_cell.angle_alpha   90.000
_cell.angle_beta   102.210
_cell.angle_gamma   90.000
#
_symmetry.space_group_name_H-M   'C 1 2 1'
#
loop_
_entity.id
_entity.type
_entity.pdbx_description
1 polymer 'Predicted protein'
2 polymer 'Peptide substrate (Ser-Pro)5'
3 non-polymer 'ZINC ION'
4 non-polymer 'ACETIC ACID'
5 water water
#
loop_
_entity_poly.entity_id
_entity_poly.type
_entity_poly.pdbx_seq_one_letter_code
_entity_poly.pdbx_strand_id
1 'polypeptide(L)'
;MGFGELKEEWRGEVVHLSWSPRAFLLKNFLSDEECDYIVEKARPKMVKSSVVDNESGKSVDSEIRTSTGTWFAKGEDSVI
SKIEKRVAQVTMIPLENHEGLQVLHYHDGQKYEPHYDYFHDPVNAGPEHGGQRVVTMLMYLTTVEEGGETVLPNAEQKVT
GDGWSECAKRGLAVKPIKGDALMFYSLKPDGSNDPASLHGSCPTLKGDKWSATKWIHVAPIGGRH
;
A,B,C,D
2 'polypeptide(L)' SPSPSPSPSP X,Y
#
loop_
_chem_comp.id
_chem_comp.type
_chem_comp.name
_chem_comp.formula
ACY non-polymer 'ACETIC ACID' 'C2 H4 O2'
ZN non-polymer 'ZINC ION' 'Zn 2'
#
# COMPACT_ATOMS: atom_id res chain seq x y z
N TRP A 10 -28.79 18.53 1.53
CA TRP A 10 -30.04 17.93 0.96
C TRP A 10 -30.25 16.49 1.41
N ARG A 11 -31.53 16.18 1.57
CA ARG A 11 -32.00 14.81 1.78
C ARG A 11 -33.47 14.64 1.49
N GLY A 12 -33.73 13.70 0.60
CA GLY A 12 -35.07 13.44 0.09
C GLY A 12 -35.11 12.04 -0.42
N GLU A 13 -36.33 11.64 -0.72
N GLU A 13 -36.33 11.63 -0.71
CA GLU A 13 -36.66 10.38 -1.41
CA GLU A 13 -36.61 10.40 -1.42
C GLU A 13 -35.95 10.21 -2.77
C GLU A 13 -35.76 10.27 -2.68
N VAL A 14 -35.32 9.06 -2.94
CA VAL A 14 -34.57 8.75 -4.18
C VAL A 14 -35.21 7.51 -4.81
N VAL A 15 -35.77 7.57 -6.02
CA VAL A 15 -36.35 6.35 -6.58
C VAL A 15 -35.45 5.76 -7.67
N HIS A 16 -34.94 4.61 -7.34
CA HIS A 16 -34.20 3.85 -8.31
C HIS A 16 -35.07 3.58 -9.54
N LEU A 17 -34.64 4.13 -10.67
CA LEU A 17 -35.38 3.97 -11.92
C LEU A 17 -34.92 2.74 -12.71
N SER A 18 -33.62 2.59 -12.79
CA SER A 18 -32.99 1.61 -13.67
C SER A 18 -31.56 1.36 -13.33
N TRP A 19 -31.05 0.20 -13.70
CA TRP A 19 -29.63 -0.10 -13.60
C TRP A 19 -28.92 0.05 -14.93
N SER A 20 -29.68 -0.31 -15.96
CA SER A 20 -29.26 -0.15 -17.38
C SER A 20 -30.29 0.70 -18.17
N PRO A 21 -30.04 2.02 -18.31
CA PRO A 21 -28.85 2.66 -17.80
C PRO A 21 -29.04 2.88 -16.31
N ARG A 22 -28.03 3.46 -15.70
CA ARG A 22 -28.04 3.76 -14.27
C ARG A 22 -28.75 5.05 -14.13
N ALA A 23 -29.93 4.96 -13.55
CA ALA A 23 -30.82 6.08 -13.46
C ALA A 23 -31.61 6.13 -12.18
N PHE A 24 -31.54 7.32 -11.61
CA PHE A 24 -32.11 7.63 -10.31
C PHE A 24 -32.94 8.93 -10.40
N LEU A 25 -34.10 8.91 -9.77
CA LEU A 25 -34.90 10.12 -9.56
C LEU A 25 -34.91 10.67 -8.17
N LEU A 26 -34.48 11.92 -8.07
CA LEU A 26 -34.38 12.64 -6.79
C LEU A 26 -35.66 13.46 -6.58
N LYS A 27 -36.44 13.14 -5.53
CA LYS A 27 -37.74 13.80 -5.36
C LYS A 27 -37.53 15.10 -4.59
N ASN A 28 -38.08 16.20 -5.11
CA ASN A 28 -38.03 17.48 -4.40
C ASN A 28 -36.57 17.96 -4.16
N PHE A 29 -35.75 17.72 -5.15
CA PHE A 29 -34.34 18.21 -5.19
C PHE A 29 -34.19 19.72 -5.10
N LEU A 30 -35.05 20.40 -5.84
CA LEU A 30 -35.14 21.86 -5.87
C LEU A 30 -36.48 22.29 -5.25
N SER A 31 -36.47 23.36 -4.50
CA SER A 31 -37.68 23.99 -3.99
C SER A 31 -38.41 24.71 -5.10
N ASP A 32 -39.71 24.85 -4.93
CA ASP A 32 -40.52 25.60 -5.91
C ASP A 32 -39.92 26.97 -6.11
N GLU A 33 -39.44 27.50 -5.02
CA GLU A 33 -38.91 28.87 -4.99
C GLU A 33 -37.65 29.00 -5.85
N GLU A 34 -36.84 27.95 -5.81
CA GLU A 34 -35.62 27.86 -6.63
C GLU A 34 -35.98 27.75 -8.08
N CYS A 35 -36.95 26.88 -8.35
CA CYS A 35 -37.40 26.60 -9.73
C CYS A 35 -37.88 27.87 -10.43
N ASP A 36 -38.68 28.58 -9.70
CA ASP A 36 -39.25 29.87 -10.15
C ASP A 36 -38.17 30.92 -10.44
N TYR A 37 -37.24 31.06 -9.50
CA TYR A 37 -36.14 32.01 -9.59
C TYR A 37 -35.31 31.79 -10.84
N ILE A 38 -35.08 30.51 -11.15
CA ILE A 38 -34.19 30.13 -12.25
C ILE A 38 -34.85 30.41 -13.63
N VAL A 39 -36.13 30.10 -13.73
CA VAL A 39 -36.89 30.39 -14.94
C VAL A 39 -36.92 31.88 -15.19
N GLU A 40 -37.10 32.63 -14.13
CA GLU A 40 -37.16 34.09 -14.26
C GLU A 40 -35.85 34.72 -14.75
N LYS A 41 -34.75 34.25 -14.20
CA LYS A 41 -33.44 34.78 -14.58
C LYS A 41 -33.16 34.35 -16.04
N ALA A 42 -33.65 33.16 -16.37
CA ALA A 42 -33.31 32.57 -17.68
C ALA A 42 -34.08 33.16 -18.91
N ARG A 43 -35.36 33.43 -18.69
CA ARG A 43 -36.23 33.98 -19.75
C ARG A 43 -35.63 34.97 -20.75
N PRO A 44 -35.05 36.07 -20.27
CA PRO A 44 -34.58 37.11 -21.18
C PRO A 44 -33.39 36.74 -22.01
N LYS A 45 -32.70 35.70 -21.60
CA LYS A 45 -31.45 35.31 -22.21
C LYS A 45 -31.61 34.13 -23.18
N MET A 46 -32.81 33.61 -23.31
CA MET A 46 -33.00 32.34 -24.08
C MET A 46 -32.72 32.51 -25.57
N VAL A 47 -31.96 31.56 -26.10
CA VAL A 47 -31.66 31.46 -27.56
C VAL A 47 -31.74 30.01 -28.01
N LYS A 48 -31.78 29.78 -29.32
CA LYS A 48 -31.90 28.41 -29.88
C LYS A 48 -30.79 27.49 -29.43
N SER A 49 -31.16 26.30 -29.02
CA SER A 49 -30.18 25.33 -28.50
C SER A 49 -29.35 24.76 -29.62
N SER A 50 -28.14 24.35 -29.28
CA SER A 50 -27.28 23.78 -30.30
C SER A 50 -26.72 22.43 -29.89
N VAL A 51 -26.23 21.74 -30.89
CA VAL A 51 -25.59 20.42 -30.69
C VAL A 51 -24.22 20.50 -31.32
N VAL A 52 -23.40 19.50 -31.00
CA VAL A 52 -22.06 19.33 -31.63
C VAL A 52 -22.08 18.26 -32.69
N ASP A 53 -21.40 18.60 -33.79
CA ASP A 53 -21.23 17.66 -34.89
C ASP A 53 -20.39 16.50 -34.33
N ASN A 54 -20.89 15.30 -34.60
CA ASN A 54 -20.33 14.02 -34.11
C ASN A 54 -18.86 13.82 -34.49
N GLU A 55 -18.51 14.41 -35.62
CA GLU A 55 -17.18 14.22 -36.25
C GLU A 55 -16.28 15.40 -36.00
N SER A 56 -16.85 16.57 -36.11
CA SER A 56 -16.04 17.77 -36.04
C SER A 56 -15.96 18.42 -34.65
N GLY A 57 -17.02 18.24 -33.87
CA GLY A 57 -17.12 18.87 -32.55
C GLY A 57 -17.60 20.30 -32.55
N LYS A 58 -17.85 20.81 -33.77
CA LYS A 58 -18.38 22.17 -33.94
C LYS A 58 -19.85 22.18 -33.52
N SER A 59 -20.17 23.25 -32.81
CA SER A 59 -21.51 23.59 -32.36
C SER A 59 -22.30 24.13 -33.52
N VAL A 60 -23.43 23.48 -33.72
CA VAL A 60 -24.34 23.76 -34.81
C VAL A 60 -25.82 23.67 -34.38
N ASP A 61 -26.63 24.26 -35.24
CA ASP A 61 -28.10 24.26 -35.14
C ASP A 61 -28.61 23.04 -35.89
N SER A 62 -29.58 22.38 -35.31
CA SER A 62 -30.07 21.13 -35.91
C SER A 62 -31.49 20.89 -35.56
N GLU A 63 -32.21 20.34 -36.52
CA GLU A 63 -33.63 20.02 -36.33
C GLU A 63 -33.85 19.05 -35.18
N ILE A 64 -32.76 18.39 -34.86
CA ILE A 64 -32.70 17.33 -33.84
C ILE A 64 -33.19 17.80 -32.45
N ARG A 65 -32.87 19.06 -32.25
CA ARG A 65 -32.98 19.70 -30.97
C ARG A 65 -33.53 21.11 -31.16
N THR A 66 -34.71 21.35 -30.60
CA THR A 66 -35.46 22.56 -30.92
C THR A 66 -35.90 23.37 -29.73
N SER A 67 -35.30 23.10 -28.60
CA SER A 67 -35.43 23.97 -27.41
C SER A 67 -34.72 25.28 -27.58
N THR A 68 -34.94 26.16 -26.62
CA THR A 68 -34.06 27.32 -26.45
C THR A 68 -33.30 27.08 -25.14
N GLY A 69 -32.23 27.80 -24.94
CA GLY A 69 -31.43 27.60 -23.75
C GLY A 69 -30.61 28.81 -23.47
N THR A 70 -30.03 28.78 -22.29
CA THR A 70 -29.02 29.77 -21.91
C THR A 70 -28.10 29.13 -20.91
N TRP A 71 -27.06 29.84 -20.51
CA TRP A 71 -26.09 29.31 -19.54
C TRP A 71 -25.88 30.28 -18.43
N PHE A 72 -25.65 29.71 -17.26
CA PHE A 72 -25.20 30.47 -16.09
C PHE A 72 -23.81 30.03 -15.73
N ALA A 73 -22.92 30.97 -15.58
CA ALA A 73 -21.56 30.62 -15.17
C ALA A 73 -21.58 30.15 -13.73
N LYS A 74 -20.63 29.28 -13.44
CA LYS A 74 -20.50 28.74 -12.08
C LYS A 74 -20.10 29.87 -11.19
N GLY A 75 -20.83 29.94 -10.09
CA GLY A 75 -20.53 30.87 -9.02
C GLY A 75 -21.00 32.30 -9.25
N GLU A 76 -21.70 32.53 -10.34
CA GLU A 76 -22.14 33.92 -10.67
C GLU A 76 -23.44 34.33 -10.00
N ASP A 77 -23.94 33.48 -9.11
CA ASP A 77 -25.28 33.66 -8.51
C ASP A 77 -25.47 32.81 -7.27
N SER A 78 -25.94 33.46 -6.21
CA SER A 78 -26.03 32.84 -4.87
C SER A 78 -26.96 31.67 -4.83
N VAL A 79 -28.05 31.84 -5.56
CA VAL A 79 -29.13 30.85 -5.53
C VAL A 79 -28.65 29.60 -6.22
N ILE A 80 -27.96 29.81 -7.32
CA ILE A 80 -27.59 28.66 -8.21
C ILE A 80 -26.38 27.97 -7.62
N SER A 81 -25.57 28.75 -6.89
CA SER A 81 -24.37 28.23 -6.18
CA SER A 81 -24.37 28.24 -6.21
C SER A 81 -24.75 27.20 -5.12
N LYS A 82 -25.85 27.45 -4.46
CA LYS A 82 -26.37 26.46 -3.48
C LYS A 82 -26.78 25.16 -4.10
N ILE A 83 -27.45 25.32 -5.24
CA ILE A 83 -27.89 24.20 -6.08
C ILE A 83 -26.66 23.48 -6.59
N GLU A 84 -25.70 24.25 -7.05
CA GLU A 84 -24.46 23.68 -7.62
C GLU A 84 -23.80 22.69 -6.66
N LYS A 85 -23.61 23.17 -5.44
CA LYS A 85 -23.04 22.42 -4.32
C LYS A 85 -23.87 21.17 -3.97
N ARG A 86 -25.15 21.33 -4.10
CA ARG A 86 -26.10 20.21 -3.84
C ARG A 86 -25.93 19.11 -4.88
N VAL A 87 -25.66 19.55 -6.09
CA VAL A 87 -25.45 18.60 -7.24
C VAL A 87 -24.13 17.84 -7.10
N ALA A 88 -23.12 18.54 -6.62
CA ALA A 88 -21.77 17.92 -6.35
C ALA A 88 -21.86 16.94 -5.21
N GLN A 89 -22.71 17.28 -4.28
CA GLN A 89 -22.94 16.44 -3.06
CA GLN A 89 -22.86 16.42 -3.07
C GLN A 89 -23.53 15.09 -3.43
N VAL A 90 -24.58 15.18 -4.22
CA VAL A 90 -25.37 14.00 -4.59
C VAL A 90 -24.70 13.12 -5.64
N THR A 91 -24.01 13.76 -6.57
CA THR A 91 -23.25 13.00 -7.59
C THR A 91 -21.89 12.48 -7.12
N MET A 92 -21.44 13.11 -6.06
CA MET A 92 -20.18 12.83 -5.41
C MET A 92 -19.00 13.09 -6.33
N ILE A 93 -19.20 14.03 -7.24
CA ILE A 93 -18.09 14.56 -8.07
C ILE A 93 -17.83 16.07 -7.80
N PRO A 94 -16.53 16.49 -7.73
CA PRO A 94 -16.30 17.87 -7.31
C PRO A 94 -16.68 18.86 -8.36
N LEU A 95 -17.04 20.03 -7.84
CA LEU A 95 -17.53 21.17 -8.65
C LEU A 95 -16.67 21.53 -9.86
N GLU A 96 -15.40 21.20 -9.78
CA GLU A 96 -14.42 21.58 -10.83
C GLU A 96 -14.72 20.90 -12.10
N ASN A 97 -15.37 19.74 -11.95
CA ASN A 97 -15.69 18.84 -13.09
C ASN A 97 -17.01 19.14 -13.81
N HIS A 98 -17.74 20.12 -13.28
CA HIS A 98 -19.09 20.46 -13.75
C HIS A 98 -19.06 21.58 -14.78
N GLU A 99 -19.82 21.38 -15.83
CA GLU A 99 -20.16 22.50 -16.72
C GLU A 99 -21.05 23.46 -15.95
N GLY A 100 -21.17 24.64 -16.53
CA GLY A 100 -22.10 25.67 -16.08
C GLY A 100 -23.52 25.17 -16.20
N LEU A 101 -24.40 25.80 -15.46
CA LEU A 101 -25.81 25.46 -15.51
C LEU A 101 -26.42 25.87 -16.84
N GLN A 102 -27.03 24.89 -17.48
CA GLN A 102 -27.75 25.11 -18.72
C GLN A 102 -29.24 25.11 -18.37
N VAL A 103 -29.94 26.20 -18.71
CA VAL A 103 -31.40 26.27 -18.56
C VAL A 103 -32.04 26.15 -19.94
N LEU A 104 -33.10 25.36 -19.99
CA LEU A 104 -33.77 25.03 -21.25
C LEU A 104 -35.27 25.24 -21.16
N HIS A 105 -35.84 25.57 -22.32
CA HIS A 105 -37.27 25.67 -22.54
C HIS A 105 -37.74 24.98 -23.80
N TYR A 106 -38.74 24.15 -23.61
CA TYR A 106 -39.50 23.55 -24.71
C TYR A 106 -40.97 23.84 -24.56
N HIS A 107 -41.59 24.16 -25.69
CA HIS A 107 -43.06 24.29 -25.80
C HIS A 107 -43.45 24.12 -27.23
N ASP A 108 -44.72 23.83 -27.36
CA ASP A 108 -45.39 23.85 -28.65
C ASP A 108 -44.69 23.02 -29.70
N GLY A 109 -44.40 21.79 -29.32
CA GLY A 109 -43.78 20.80 -30.24
C GLY A 109 -42.25 20.62 -30.12
N GLN A 110 -41.60 21.52 -29.41
CA GLN A 110 -40.13 21.47 -29.20
C GLN A 110 -39.74 20.16 -28.53
N LYS A 111 -38.57 19.65 -28.93
CA LYS A 111 -38.15 18.31 -28.54
C LYS A 111 -36.63 18.21 -28.63
N TYR A 112 -36.15 17.09 -28.15
CA TYR A 112 -34.73 16.69 -28.34
C TYR A 112 -34.69 15.23 -28.64
N GLU A 113 -34.37 14.87 -29.88
CA GLU A 113 -34.44 13.47 -30.31
C GLU A 113 -33.41 12.67 -29.54
N PRO A 114 -33.58 11.33 -29.51
CA PRO A 114 -32.70 10.50 -28.67
C PRO A 114 -31.23 10.65 -29.09
N HIS A 115 -30.39 10.82 -28.08
CA HIS A 115 -28.95 11.11 -28.25
C HIS A 115 -28.15 10.72 -26.96
N TYR A 116 -26.84 10.89 -27.04
CA TYR A 116 -25.93 10.63 -25.90
C TYR A 116 -25.33 11.90 -25.47
N ASP A 117 -25.13 12.02 -24.18
CA ASP A 117 -24.45 13.20 -23.64
C ASP A 117 -22.94 13.04 -23.78
N TYR A 118 -22.44 11.83 -23.86
CA TYR A 118 -20.99 11.67 -24.15
C TYR A 118 -20.75 12.00 -25.59
N PHE A 119 -19.54 12.50 -25.81
CA PHE A 119 -19.12 13.04 -27.05
C PHE A 119 -18.51 11.92 -27.85
N HIS A 120 -18.79 12.07 -29.12
CA HIS A 120 -18.19 11.21 -30.15
C HIS A 120 -16.96 11.87 -30.77
N ASP A 121 -16.98 13.18 -30.74
CA ASP A 121 -16.00 14.00 -31.51
C ASP A 121 -14.64 14.06 -30.82
N PRO A 122 -13.59 14.39 -31.61
CA PRO A 122 -12.27 14.30 -31.00
C PRO A 122 -11.86 15.50 -30.16
N VAL A 123 -12.73 16.48 -30.05
CA VAL A 123 -12.40 17.76 -29.37
C VAL A 123 -13.02 17.93 -27.99
N ASN A 124 -14.29 17.57 -27.89
CA ASN A 124 -15.10 18.02 -26.72
C ASN A 124 -14.90 17.27 -25.41
N ALA A 125 -14.29 16.08 -25.55
CA ALA A 125 -13.92 15.20 -24.42
C ALA A 125 -12.39 15.25 -24.24
N GLY A 126 -11.80 16.30 -24.76
CA GLY A 126 -10.38 16.54 -24.55
C GLY A 126 -10.06 16.89 -23.09
N PRO A 127 -8.81 16.66 -22.68
CA PRO A 127 -8.33 16.97 -21.34
C PRO A 127 -8.70 18.35 -20.87
N GLU A 128 -8.57 19.29 -21.78
CA GLU A 128 -8.79 20.71 -21.46
C GLU A 128 -10.22 20.98 -21.08
N HIS A 129 -11.05 20.08 -21.52
CA HIS A 129 -12.49 20.26 -21.44
C HIS A 129 -13.08 19.47 -20.31
N GLY A 130 -12.18 18.84 -19.61
CA GLY A 130 -12.48 18.07 -18.42
C GLY A 130 -12.67 16.60 -18.72
N GLY A 131 -12.25 16.23 -19.89
CA GLY A 131 -12.45 14.84 -20.37
C GLY A 131 -13.90 14.59 -20.65
N GLN A 132 -14.24 13.31 -20.65
CA GLN A 132 -15.55 12.86 -21.07
C GLN A 132 -16.64 13.22 -20.06
N ARG A 133 -17.86 13.38 -20.58
CA ARG A 133 -19.04 13.52 -19.72
C ARG A 133 -19.41 12.17 -19.10
N VAL A 134 -19.58 12.17 -17.76
CA VAL A 134 -19.91 10.96 -17.03
C VAL A 134 -21.34 10.91 -16.44
N VAL A 135 -21.80 12.03 -15.94
CA VAL A 135 -23.12 12.05 -15.41
C VAL A 135 -23.81 13.36 -15.70
N THR A 136 -25.13 13.24 -15.86
CA THR A 136 -26.06 14.38 -16.06
C THR A 136 -27.13 14.42 -15.03
N MET A 137 -27.34 15.62 -14.54
CA MET A 137 -28.48 15.94 -13.67
C MET A 137 -29.43 16.81 -14.46
N LEU A 138 -30.65 16.36 -14.52
CA LEU A 138 -31.76 17.10 -15.18
CA LEU A 138 -31.73 17.07 -15.17
C LEU A 138 -32.78 17.50 -14.15
N MET A 139 -32.82 18.80 -13.93
CA MET A 139 -33.73 19.40 -12.98
C MET A 139 -34.97 20.00 -13.70
N TYR A 140 -36.13 19.48 -13.34
CA TYR A 140 -37.39 19.92 -13.94
C TYR A 140 -37.88 21.13 -13.13
N LEU A 141 -38.11 22.24 -13.84
CA LEU A 141 -38.44 23.54 -13.22
C LEU A 141 -39.94 23.84 -13.25
N THR A 142 -40.65 22.99 -13.99
CA THR A 142 -42.11 23.08 -14.12
C THR A 142 -42.67 21.70 -14.23
N THR A 143 -44.00 21.63 -14.08
CA THR A 143 -44.76 20.39 -14.26
C THR A 143 -45.46 20.51 -15.61
N VAL A 144 -45.24 19.55 -16.49
CA VAL A 144 -45.75 19.57 -17.88
C VAL A 144 -47.05 18.78 -18.09
N GLU A 145 -48.04 19.48 -18.67
CA GLU A 145 -49.40 18.94 -18.76
C GLU A 145 -49.48 17.74 -19.68
N GLU A 146 -49.04 17.95 -20.89
CA GLU A 146 -48.89 16.91 -21.91
C GLU A 146 -47.56 16.97 -22.62
N GLY A 147 -46.93 15.81 -22.58
CA GLY A 147 -45.66 15.48 -23.23
C GLY A 147 -44.44 15.90 -22.45
N GLY A 148 -43.38 16.14 -23.20
CA GLY A 148 -42.11 16.56 -22.67
C GLY A 148 -41.44 15.60 -21.71
N GLU A 149 -41.79 14.34 -21.79
CA GLU A 149 -41.14 13.29 -20.98
C GLU A 149 -39.68 13.11 -21.40
N THR A 150 -38.85 12.79 -20.41
CA THR A 150 -37.49 12.31 -20.68
C THR A 150 -37.75 10.85 -20.97
N VAL A 151 -37.30 10.44 -22.13
CA VAL A 151 -37.49 9.07 -22.58
C VAL A 151 -36.12 8.46 -22.76
N LEU A 152 -35.99 7.22 -22.29
CA LEU A 152 -34.80 6.40 -22.43
C LEU A 152 -35.18 5.07 -23.17
N PRO A 153 -35.05 5.04 -24.49
CA PRO A 153 -35.53 3.96 -25.32
C PRO A 153 -34.81 2.65 -25.22
N ASN A 154 -33.60 2.73 -24.72
CA ASN A 154 -32.72 1.57 -24.54
C ASN A 154 -32.71 1.04 -23.09
N ALA A 155 -33.58 1.61 -22.27
CA ALA A 155 -33.79 1.12 -20.90
C ALA A 155 -34.31 -0.32 -20.91
N GLU A 156 -34.02 -0.97 -19.80
CA GLU A 156 -34.32 -2.39 -19.61
C GLU A 156 -35.81 -2.62 -19.48
N GLN A 157 -36.48 -1.55 -19.10
N GLN A 157 -36.50 -1.55 -19.11
CA GLN A 157 -37.89 -1.54 -18.74
CA GLN A 157 -37.92 -1.59 -18.72
C GLN A 157 -38.65 -0.30 -19.20
C GLN A 157 -38.73 -0.34 -19.11
N LYS A 158 -39.56 -0.53 -20.13
CA LYS A 158 -40.40 0.54 -20.69
C LYS A 158 -41.60 0.85 -19.82
N VAL A 159 -42.12 2.07 -19.96
CA VAL A 159 -43.40 2.46 -19.32
C VAL A 159 -44.55 2.12 -20.23
N THR A 160 -45.69 1.90 -19.61
CA THR A 160 -46.97 1.63 -20.31
C THR A 160 -48.12 2.22 -19.50
N GLY A 161 -49.30 2.00 -20.01
CA GLY A 161 -50.54 2.52 -19.41
C GLY A 161 -50.69 4.01 -19.60
N ASP A 162 -51.54 4.55 -18.75
CA ASP A 162 -52.04 5.93 -18.89
C ASP A 162 -51.11 7.04 -18.41
N GLY A 163 -51.15 8.10 -19.20
CA GLY A 163 -50.66 9.40 -18.80
C GLY A 163 -49.27 9.63 -19.29
N TRP A 164 -48.94 8.79 -20.26
CA TRP A 164 -47.65 8.78 -20.98
C TRP A 164 -47.94 8.91 -22.44
N SER A 165 -47.30 9.87 -23.09
CA SER A 165 -47.38 9.97 -24.56
C SER A 165 -46.90 8.69 -25.22
N GLU A 166 -47.21 8.58 -26.50
CA GLU A 166 -46.77 7.43 -27.30
C GLU A 166 -45.28 7.48 -27.45
N CYS A 167 -44.78 8.70 -27.44
CA CYS A 167 -43.36 8.94 -27.58
C CYS A 167 -42.66 8.27 -26.38
N ALA A 168 -43.36 8.32 -25.26
CA ALA A 168 -42.80 7.95 -23.94
C ALA A 168 -42.83 6.43 -23.71
N LYS A 169 -43.76 5.81 -24.40
CA LYS A 169 -43.90 4.33 -24.38
C LYS A 169 -42.81 3.65 -25.23
N ARG A 170 -42.03 4.47 -25.93
CA ARG A 170 -40.88 3.94 -26.68
C ARG A 170 -39.71 3.55 -25.75
N GLY A 171 -39.88 3.90 -24.48
CA GLY A 171 -38.84 3.70 -23.48
C GLY A 171 -39.30 3.78 -22.04
N LEU A 172 -38.29 3.80 -21.18
CA LEU A 172 -38.47 4.18 -19.79
C LEU A 172 -38.65 5.69 -19.88
N ALA A 173 -39.56 6.24 -19.12
CA ALA A 173 -39.78 7.72 -19.20
C ALA A 173 -40.06 8.33 -17.90
N VAL A 174 -39.79 9.63 -17.84
CA VAL A 174 -39.99 10.41 -16.60
C VAL A 174 -40.78 11.66 -16.92
N LYS A 175 -41.91 11.79 -16.22
CA LYS A 175 -42.80 12.96 -16.36
C LYS A 175 -42.10 14.12 -15.70
N PRO A 176 -41.98 15.22 -16.41
CA PRO A 176 -41.43 16.39 -15.73
C PRO A 176 -42.38 16.92 -14.66
N ILE A 177 -41.85 16.86 -13.44
CA ILE A 177 -42.49 17.45 -12.23
C ILE A 177 -41.57 18.40 -11.50
N LYS A 178 -42.10 19.59 -11.25
CA LYS A 178 -41.39 20.69 -10.56
C LYS A 178 -40.71 20.23 -9.31
N GLY A 179 -39.42 20.44 -9.31
CA GLY A 179 -38.61 20.17 -8.11
C GLY A 179 -37.91 18.82 -8.11
N ASP A 180 -38.37 17.96 -9.00
CA ASP A 180 -37.70 16.66 -9.20
C ASP A 180 -36.45 16.77 -10.08
N ALA A 181 -35.45 15.94 -9.80
CA ALA A 181 -34.27 15.76 -10.72
C ALA A 181 -33.97 14.30 -11.04
N LEU A 182 -33.66 14.11 -12.30
CA LEU A 182 -33.19 12.84 -12.87
C LEU A 182 -31.69 12.87 -12.93
N MET A 183 -31.09 11.87 -12.30
CA MET A 183 -29.65 11.62 -12.44
C MET A 183 -29.47 10.33 -13.24
N PHE A 184 -28.65 10.40 -14.27
CA PHE A 184 -28.26 9.21 -15.02
C PHE A 184 -26.81 9.27 -15.50
N TYR A 185 -26.23 8.11 -15.63
CA TYR A 185 -24.80 8.00 -16.07
C TYR A 185 -24.63 7.74 -17.53
N SER A 186 -23.71 8.49 -18.15
CA SER A 186 -23.42 8.32 -19.59
C SER A 186 -22.38 7.26 -19.79
N LEU A 187 -21.59 7.11 -18.74
CA LEU A 187 -20.53 6.09 -18.64
C LEU A 187 -20.83 4.95 -17.66
N LYS A 188 -20.27 3.77 -17.97
CA LYS A 188 -20.23 2.64 -17.02
C LYS A 188 -19.19 2.90 -15.92
N PRO A 189 -19.24 2.09 -14.86
CA PRO A 189 -18.32 2.49 -13.78
C PRO A 189 -16.84 2.36 -14.12
N ASP A 190 -16.58 1.68 -15.21
CA ASP A 190 -15.22 1.45 -15.68
C ASP A 190 -14.84 2.52 -16.68
N GLY A 191 -15.76 3.41 -16.92
CA GLY A 191 -15.52 4.54 -17.82
C GLY A 191 -15.83 4.38 -19.29
N SER A 192 -16.25 3.17 -19.67
CA SER A 192 -16.71 2.95 -21.05
C SER A 192 -18.05 3.61 -21.25
N ASN A 193 -18.29 3.96 -22.50
CA ASN A 193 -19.55 4.51 -22.92
C ASN A 193 -20.68 3.55 -22.61
N ASP A 194 -21.76 4.11 -22.10
CA ASP A 194 -22.98 3.30 -21.92
C ASP A 194 -24.06 3.63 -22.95
N PRO A 195 -24.19 2.78 -23.97
CA PRO A 195 -25.18 3.03 -24.97
C PRO A 195 -26.62 2.90 -24.46
N ALA A 196 -26.77 2.28 -23.31
CA ALA A 196 -28.10 2.14 -22.67
C ALA A 196 -28.66 3.51 -22.23
N SER A 197 -27.77 4.50 -22.21
CA SER A 197 -28.06 5.87 -21.72
C SER A 197 -28.66 6.79 -22.79
N LEU A 198 -28.94 6.24 -23.97
CA LEU A 198 -29.68 6.98 -25.02
C LEU A 198 -30.94 7.61 -24.38
N HIS A 199 -31.09 8.92 -24.60
CA HIS A 199 -32.20 9.71 -24.05
C HIS A 199 -32.58 10.89 -24.89
N GLY A 200 -33.83 11.29 -24.70
CA GLY A 200 -34.40 12.47 -25.41
C GLY A 200 -35.45 13.18 -24.59
N SER A 201 -35.93 14.24 -25.18
CA SER A 201 -37.11 14.94 -24.65
C SER A 201 -38.26 14.83 -25.65
N CYS A 202 -39.31 14.19 -25.22
CA CYS A 202 -40.49 13.99 -26.07
C CYS A 202 -41.11 15.34 -26.36
N PRO A 203 -41.67 15.57 -27.57
CA PRO A 203 -42.37 16.86 -27.86
C PRO A 203 -43.25 17.29 -26.70
N THR A 204 -43.07 18.55 -26.32
CA THR A 204 -43.88 19.22 -25.28
C THR A 204 -45.13 19.75 -26.00
N LEU A 205 -46.28 19.24 -25.58
CA LEU A 205 -47.56 19.46 -26.29
C LEU A 205 -48.46 20.53 -25.68
N LYS A 206 -48.59 20.40 -24.40
CA LYS A 206 -49.34 21.39 -23.59
C LYS A 206 -48.49 21.62 -22.37
N GLY A 207 -48.12 22.88 -22.19
CA GLY A 207 -47.25 23.24 -21.11
C GLY A 207 -45.97 23.85 -21.63
N ASP A 208 -45.37 24.58 -20.70
CA ASP A 208 -44.01 25.10 -20.87
C ASP A 208 -43.05 24.28 -20.00
N LYS A 209 -42.27 23.49 -20.66
CA LYS A 209 -41.19 22.73 -20.00
C LYS A 209 -39.95 23.57 -19.87
N TRP A 210 -39.66 23.89 -18.62
CA TRP A 210 -38.39 24.50 -18.19
C TRP A 210 -37.64 23.46 -17.34
N SER A 211 -36.39 23.26 -17.70
CA SER A 211 -35.47 22.37 -17.01
C SER A 211 -34.11 23.03 -16.87
N ALA A 212 -33.32 22.51 -15.97
CA ALA A 212 -31.90 22.88 -15.89
C ALA A 212 -31.02 21.62 -15.87
N THR A 213 -29.88 21.67 -16.52
CA THR A 213 -28.94 20.56 -16.50
C THR A 213 -27.57 20.95 -15.96
N LYS A 214 -27.01 19.96 -15.25
CA LYS A 214 -25.58 19.82 -14.92
C LYS A 214 -24.98 18.59 -15.61
N TRP A 215 -24.18 18.86 -16.62
CA TRP A 215 -23.26 17.90 -17.29
C TRP A 215 -21.88 17.95 -16.59
N ILE A 216 -21.58 16.84 -15.94
CA ILE A 216 -20.39 16.61 -15.10
C ILE A 216 -19.44 15.63 -15.81
N HIS A 217 -18.19 16.07 -15.84
CA HIS A 217 -17.08 15.34 -16.46
C HIS A 217 -16.29 14.51 -15.51
N VAL A 218 -15.44 13.70 -16.10
CA VAL A 218 -14.54 12.78 -15.35
C VAL A 218 -13.33 13.50 -14.72
N ALA A 219 -13.06 14.68 -15.25
CA ALA A 219 -11.89 15.45 -14.81
C ALA A 219 -12.18 16.95 -14.78
N PRO A 220 -11.27 17.72 -14.16
CA PRO A 220 -11.55 19.15 -14.07
C PRO A 220 -11.56 19.81 -15.45
N ILE A 221 -12.54 20.65 -15.67
CA ILE A 221 -12.57 21.52 -16.85
C ILE A 221 -11.57 22.64 -16.60
N GLY A 222 -10.72 22.88 -17.60
CA GLY A 222 -9.61 23.86 -17.54
C GLY A 222 -8.20 23.29 -17.82
N GLU B 9 -34.99 3.36 -0.84
CA GLU B 9 -35.85 3.44 0.39
C GLU B 9 -35.12 3.78 1.71
N TRP B 10 -33.80 3.75 1.67
CA TRP B 10 -32.94 4.31 2.78
C TRP B 10 -32.74 5.74 2.45
N ARG B 11 -33.35 6.57 3.28
CA ARG B 11 -33.12 8.00 3.25
C ARG B 11 -32.24 8.33 4.44
N GLY B 12 -31.02 8.79 4.18
CA GLY B 12 -30.20 9.22 5.29
C GLY B 12 -29.39 10.47 5.07
N GLU B 13 -28.92 10.85 6.23
CA GLU B 13 -27.99 11.93 6.41
C GLU B 13 -26.59 11.49 5.97
N VAL B 14 -26.15 12.18 4.94
CA VAL B 14 -24.79 12.11 4.45
C VAL B 14 -24.05 13.34 4.90
N VAL B 15 -22.93 13.08 5.56
CA VAL B 15 -21.98 14.13 5.94
C VAL B 15 -20.78 13.99 5.00
N HIS B 16 -20.61 15.01 4.17
CA HIS B 16 -19.38 15.16 3.37
C HIS B 16 -18.18 15.36 4.27
N LEU B 17 -17.19 14.48 4.10
CA LEU B 17 -15.96 14.48 4.90
C LEU B 17 -14.82 15.17 4.18
N SER B 18 -14.64 14.79 2.94
CA SER B 18 -13.49 15.24 2.15
CA SER B 18 -13.51 15.26 2.14
C SER B 18 -13.74 15.13 0.64
N TRP B 19 -13.00 15.94 -0.10
CA TRP B 19 -12.91 15.90 -1.58
C TRP B 19 -11.62 15.23 -2.07
N SER B 20 -10.56 15.37 -1.29
CA SER B 20 -9.33 14.57 -1.48
C SER B 20 -8.89 13.81 -0.19
N PRO B 21 -9.17 12.49 -0.11
CA PRO B 21 -9.95 11.63 -0.99
C PRO B 21 -11.44 12.02 -0.96
N ARG B 22 -12.20 11.49 -1.91
CA ARG B 22 -13.68 11.62 -1.86
C ARG B 22 -14.23 10.68 -0.80
N ALA B 23 -14.68 11.27 0.29
CA ALA B 23 -15.15 10.54 1.47
C ALA B 23 -16.41 11.12 2.14
N PHE B 24 -17.29 10.19 2.51
CA PHE B 24 -18.66 10.45 2.94
C PHE B 24 -19.11 9.52 4.04
N LEU B 25 -19.80 10.12 5.00
CA LEU B 25 -20.17 9.51 6.28
C LEU B 25 -21.65 9.42 6.30
N LEU B 26 -22.11 8.18 6.36
CA LEU B 26 -23.53 7.84 6.22
C LEU B 26 -23.99 7.43 7.58
N LYS B 27 -24.77 8.31 8.12
CA LYS B 27 -25.22 8.23 9.49
C LYS B 27 -26.38 7.30 9.47
N ASN B 28 -26.28 6.37 10.42
CA ASN B 28 -27.35 5.38 10.67
C ASN B 28 -27.63 4.54 9.46
N PHE B 29 -26.58 4.15 8.77
CA PHE B 29 -26.74 3.43 7.50
C PHE B 29 -27.35 2.07 7.75
N LEU B 30 -26.93 1.52 8.87
CA LEU B 30 -27.43 0.28 9.44
C LEU B 30 -28.19 0.53 10.75
N SER B 31 -29.14 -0.33 10.99
CA SER B 31 -29.92 -0.26 12.23
C SER B 31 -29.12 -0.93 13.32
N ASP B 32 -29.50 -0.70 14.57
CA ASP B 32 -28.77 -1.29 15.71
C ASP B 32 -28.90 -2.79 15.63
N GLU B 33 -30.07 -3.16 15.12
CA GLU B 33 -30.49 -4.57 15.04
C GLU B 33 -29.78 -5.33 13.93
N GLU B 34 -29.51 -4.60 12.86
CA GLU B 34 -28.72 -5.14 11.71
C GLU B 34 -27.28 -5.44 12.13
N CYS B 35 -26.77 -4.49 12.88
CA CYS B 35 -25.40 -4.54 13.40
C CYS B 35 -25.30 -5.79 14.22
N ASP B 36 -26.24 -5.87 15.16
CA ASP B 36 -26.29 -6.97 16.10
C ASP B 36 -26.44 -8.28 15.39
N TYR B 37 -27.23 -8.27 14.34
CA TYR B 37 -27.45 -9.47 13.55
C TYR B 37 -26.18 -10.00 12.91
N ILE B 38 -25.47 -9.07 12.31
CA ILE B 38 -24.23 -9.34 11.57
C ILE B 38 -23.17 -9.94 12.48
N VAL B 39 -22.99 -9.28 13.60
CA VAL B 39 -21.92 -9.66 14.56
C VAL B 39 -22.22 -10.98 15.21
N GLU B 40 -23.50 -11.24 15.41
CA GLU B 40 -23.93 -12.52 16.05
C GLU B 40 -23.74 -13.68 15.10
N LYS B 41 -23.96 -13.43 13.83
CA LYS B 41 -23.80 -14.52 12.84
C LYS B 41 -22.33 -14.72 12.49
N ALA B 42 -21.55 -13.67 12.71
CA ALA B 42 -20.10 -13.70 12.34
C ALA B 42 -19.30 -14.43 13.42
N ARG B 43 -19.75 -14.27 14.65
CA ARG B 43 -19.07 -14.84 15.84
C ARG B 43 -18.60 -16.27 15.58
N PRO B 44 -19.55 -17.21 15.45
CA PRO B 44 -19.20 -18.63 15.35
C PRO B 44 -18.26 -18.97 14.23
N LYS B 45 -18.07 -17.99 13.37
CA LYS B 45 -17.38 -18.14 12.08
C LYS B 45 -16.01 -17.50 11.98
N MET B 46 -15.67 -16.70 12.98
CA MET B 46 -14.43 -15.88 12.90
C MET B 46 -13.21 -16.78 13.01
N VAL B 47 -12.14 -16.35 12.35
CA VAL B 47 -10.84 -17.08 12.32
C VAL B 47 -9.63 -16.15 12.30
N THR B 68 -9.31 -11.28 14.04
CA THR B 68 -10.10 -12.21 13.21
C THR B 68 -11.01 -11.54 12.18
N GLY B 69 -11.39 -12.38 11.24
CA GLY B 69 -12.22 -11.98 10.10
C GLY B 69 -12.92 -13.14 9.50
N THR B 70 -13.92 -12.80 8.71
CA THR B 70 -14.81 -13.78 8.06
C THR B 70 -15.63 -13.14 6.94
N TRP B 71 -16.13 -14.00 6.08
CA TRP B 71 -16.85 -13.59 4.85
C TRP B 71 -18.21 -14.25 4.72
N PHE B 72 -19.17 -13.40 4.43
CA PHE B 72 -20.51 -13.82 3.98
C PHE B 72 -20.62 -13.66 2.48
N ALA B 73 -21.16 -14.69 1.86
CA ALA B 73 -21.45 -14.70 0.41
C ALA B 73 -22.61 -13.83 -0.01
N LYS B 74 -22.46 -13.29 -1.19
CA LYS B 74 -23.50 -12.42 -1.78
C LYS B 74 -24.81 -13.13 -1.76
N GLY B 75 -25.80 -12.40 -1.27
CA GLY B 75 -27.18 -12.86 -1.24
C GLY B 75 -27.40 -14.12 -0.43
N GLU B 76 -26.45 -14.35 0.44
CA GLU B 76 -26.42 -15.49 1.40
C GLU B 76 -27.56 -15.47 2.42
N ASP B 77 -27.84 -14.35 3.09
CA ASP B 77 -29.11 -14.33 3.85
C ASP B 77 -29.84 -13.05 3.65
N SER B 78 -31.11 -13.14 4.00
CA SER B 78 -32.11 -12.12 3.64
C SER B 78 -31.82 -10.81 4.30
N VAL B 79 -31.19 -10.89 5.45
CA VAL B 79 -30.88 -9.67 6.20
C VAL B 79 -29.74 -8.93 5.53
N ILE B 80 -28.74 -9.72 5.15
CA ILE B 80 -27.56 -9.15 4.56
C ILE B 80 -27.87 -8.71 3.12
N SER B 81 -28.71 -9.46 2.45
CA SER B 81 -29.19 -9.14 1.08
C SER B 81 -29.88 -7.76 0.97
N LYS B 82 -30.68 -7.48 1.96
CA LYS B 82 -31.35 -6.19 2.08
C LYS B 82 -30.26 -5.11 2.26
N ILE B 83 -29.25 -5.40 3.04
CA ILE B 83 -28.19 -4.42 3.28
C ILE B 83 -27.36 -4.24 2.01
N GLU B 84 -27.20 -5.32 1.30
CA GLU B 84 -26.39 -5.34 0.09
C GLU B 84 -27.00 -4.43 -0.97
N LYS B 85 -28.30 -4.50 -1.04
CA LYS B 85 -29.06 -3.73 -2.04
C LYS B 85 -29.01 -2.25 -1.65
N ARG B 86 -28.98 -1.97 -0.35
CA ARG B 86 -28.83 -0.56 0.15
C ARG B 86 -27.52 0.09 -0.33
N VAL B 87 -26.46 -0.69 -0.14
CA VAL B 87 -25.07 -0.33 -0.57
C VAL B 87 -25.07 -0.07 -2.05
N ALA B 88 -25.65 -1.00 -2.80
CA ALA B 88 -25.79 -0.77 -4.28
C ALA B 88 -26.46 0.58 -4.60
N GLN B 89 -27.49 0.87 -3.83
CA GLN B 89 -28.28 2.09 -4.08
C GLN B 89 -27.47 3.33 -3.83
N VAL B 90 -26.79 3.39 -2.67
CA VAL B 90 -26.11 4.64 -2.24
C VAL B 90 -24.83 4.93 -3.05
N THR B 91 -24.17 3.86 -3.50
CA THR B 91 -22.95 3.93 -4.30
C THR B 91 -23.21 4.12 -5.80
N MET B 92 -24.43 3.82 -6.12
CA MET B 92 -24.96 3.77 -7.45
C MET B 92 -24.18 2.94 -8.43
N ILE B 93 -23.61 1.88 -7.91
CA ILE B 93 -22.93 0.80 -8.68
C ILE B 93 -23.63 -0.53 -8.39
N PRO B 94 -24.02 -1.28 -9.43
CA PRO B 94 -24.84 -2.41 -9.16
C PRO B 94 -24.13 -3.53 -8.49
N LEU B 95 -24.96 -4.44 -8.01
CA LEU B 95 -24.55 -5.57 -7.11
C LEU B 95 -23.53 -6.53 -7.70
N GLU B 96 -23.62 -6.72 -9.00
CA GLU B 96 -22.74 -7.64 -9.76
CA GLU B 96 -22.72 -7.66 -9.72
C GLU B 96 -21.25 -7.33 -9.50
N ASN B 97 -21.03 -6.05 -9.27
CA ASN B 97 -19.70 -5.42 -9.15
C ASN B 97 -19.12 -5.49 -7.75
N HIS B 98 -19.95 -5.89 -6.79
CA HIS B 98 -19.58 -5.92 -5.35
C HIS B 98 -18.97 -7.25 -4.97
N GLU B 99 -17.98 -7.21 -4.08
CA GLU B 99 -17.54 -8.43 -3.38
C GLU B 99 -18.56 -8.74 -2.27
N GLY B 100 -18.36 -9.85 -1.61
CA GLY B 100 -19.16 -10.21 -0.46
C GLY B 100 -18.82 -9.31 0.72
N LEU B 101 -19.45 -9.63 1.83
CA LEU B 101 -19.29 -8.82 3.05
C LEU B 101 -18.26 -9.43 3.88
N GLN B 102 -17.26 -8.64 4.20
CA GLN B 102 -16.17 -9.06 5.07
C GLN B 102 -16.38 -8.43 6.40
N VAL B 103 -16.56 -9.31 7.40
CA VAL B 103 -16.69 -8.90 8.80
C VAL B 103 -15.38 -9.05 9.58
N LEU B 104 -15.00 -7.93 10.16
CA LEU B 104 -13.73 -7.81 10.82
C LEU B 104 -13.85 -7.47 12.27
N HIS B 105 -13.18 -8.30 13.03
CA HIS B 105 -13.09 -8.17 14.50
C HIS B 105 -11.69 -7.78 14.96
N TYR B 106 -11.58 -6.53 15.38
CA TYR B 106 -10.25 -5.88 15.63
C TYR B 106 -9.61 -6.23 17.01
N LYS B 111 -0.66 -2.48 15.41
CA LYS B 111 -0.28 -2.52 13.98
C LYS B 111 -1.09 -1.58 13.10
N TYR B 112 -0.50 -0.41 12.96
CA TYR B 112 -0.90 0.63 12.03
C TYR B 112 -0.27 0.27 10.69
N GLU B 113 -1.16 0.00 9.74
CA GLU B 113 -0.83 -0.38 8.39
C GLU B 113 -1.77 0.25 7.37
N PRO B 114 -1.61 1.55 7.16
CA PRO B 114 -2.43 2.18 6.16
C PRO B 114 -2.11 1.63 4.78
N HIS B 115 -3.13 1.54 3.94
CA HIS B 115 -3.01 0.91 2.62
C HIS B 115 -4.01 1.49 1.65
N TYR B 116 -3.87 1.10 0.41
CA TYR B 116 -4.76 1.52 -0.69
C TYR B 116 -5.58 0.30 -1.01
N ASP B 117 -6.84 0.51 -1.33
CA ASP B 117 -7.76 -0.56 -1.67
C ASP B 117 -7.67 -0.88 -3.15
N TYR B 118 -7.09 0.02 -3.92
CA TYR B 118 -6.89 -0.28 -5.36
C TYR B 118 -5.73 -1.22 -5.50
N PHE B 119 -5.73 -1.90 -6.64
CA PHE B 119 -4.61 -2.76 -7.04
C PHE B 119 -3.47 -1.92 -7.60
N HIS B 120 -2.25 -2.25 -7.18
CA HIS B 120 -1.06 -1.45 -7.54
C HIS B 120 0.26 -2.21 -7.48
N ASP B 121 1.35 -1.55 -7.90
CA ASP B 121 2.70 -2.11 -7.80
C ASP B 121 3.53 -1.41 -6.71
N PRO B 122 4.74 -1.92 -6.46
CA PRO B 122 5.36 -2.94 -7.30
C PRO B 122 4.37 -4.09 -7.51
N PRO B 127 -4.67 -7.23 -13.64
CA PRO B 127 -5.91 -7.71 -14.28
C PRO B 127 -6.58 -8.74 -13.41
N GLU B 128 -7.68 -8.27 -12.88
CA GLU B 128 -8.31 -8.88 -11.71
C GLU B 128 -9.77 -9.02 -11.92
N HIS B 129 -10.39 -9.73 -11.03
CA HIS B 129 -11.84 -9.93 -11.11
C HIS B 129 -12.55 -8.68 -10.69
N GLY B 130 -13.41 -8.24 -11.59
CA GLY B 130 -14.15 -6.97 -11.46
C GLY B 130 -13.35 -5.73 -11.84
N GLY B 131 -12.13 -5.95 -12.29
CA GLY B 131 -11.09 -4.90 -12.46
C GLY B 131 -10.84 -4.19 -11.13
N GLN B 132 -10.51 -2.91 -11.20
CA GLN B 132 -10.12 -2.15 -10.01
C GLN B 132 -11.27 -2.07 -9.08
N ARG B 133 -10.89 -1.79 -7.83
CA ARG B 133 -11.80 -1.43 -6.79
C ARG B 133 -11.91 0.10 -6.78
N VAL B 134 -13.15 0.57 -6.72
CA VAL B 134 -13.43 2.00 -6.87
C VAL B 134 -13.98 2.64 -5.64
N VAL B 135 -14.83 1.88 -4.95
CA VAL B 135 -15.47 2.34 -3.73
CA VAL B 135 -15.53 2.31 -3.72
C VAL B 135 -15.45 1.29 -2.59
N THR B 136 -15.20 1.80 -1.41
CA THR B 136 -15.19 0.98 -0.17
C THR B 136 -16.19 1.55 0.80
N MET B 137 -17.02 0.63 1.33
CA MET B 137 -17.95 0.95 2.43
C MET B 137 -17.54 0.22 3.73
N LEU B 138 -17.22 1.03 4.73
CA LEU B 138 -16.79 0.51 6.03
C LEU B 138 -17.93 0.76 7.01
N MET B 139 -18.62 -0.29 7.39
CA MET B 139 -19.75 -0.20 8.34
C MET B 139 -19.36 -0.56 9.78
N TYR B 140 -19.47 0.41 10.66
CA TYR B 140 -19.16 0.24 12.09
C TYR B 140 -20.30 -0.50 12.85
N LEU B 141 -19.95 -1.64 13.42
CA LEU B 141 -20.91 -2.55 14.08
C LEU B 141 -21.01 -2.34 15.59
N THR B 142 -20.10 -1.53 16.04
CA THR B 142 -19.98 -1.16 17.43
C THR B 142 -19.48 0.27 17.49
N THR B 143 -19.91 0.95 18.54
CA THR B 143 -19.38 2.27 18.93
C THR B 143 -18.14 2.06 19.77
N VAL B 144 -17.09 2.75 19.39
CA VAL B 144 -15.81 2.65 20.10
C VAL B 144 -15.49 3.92 20.88
N GLU B 145 -15.42 3.75 22.19
CA GLU B 145 -15.33 4.91 23.12
C GLU B 145 -14.05 5.68 22.97
N GLU B 146 -12.98 4.92 22.82
CA GLU B 146 -11.67 5.52 22.62
C GLU B 146 -10.80 4.75 21.67
N GLY B 147 -10.26 5.51 20.74
CA GLY B 147 -9.40 4.98 19.68
C GLY B 147 -10.26 4.30 18.64
N GLY B 148 -9.58 3.47 17.86
CA GLY B 148 -10.23 2.65 16.80
C GLY B 148 -10.56 3.42 15.53
N GLU B 149 -10.22 4.70 15.49
CA GLU B 149 -10.65 5.46 14.34
C GLU B 149 -10.11 4.90 13.01
N THR B 150 -10.90 5.07 11.96
CA THR B 150 -10.41 4.88 10.60
C THR B 150 -9.65 6.14 10.35
N VAL B 151 -8.41 6.03 9.90
CA VAL B 151 -7.52 7.18 9.61
C VAL B 151 -7.07 7.25 8.15
N LEU B 152 -7.14 8.46 7.60
CA LEU B 152 -6.73 8.79 6.20
C LEU B 152 -5.62 9.81 6.17
N PRO B 153 -4.37 9.34 6.12
CA PRO B 153 -3.20 10.24 6.39
C PRO B 153 -2.80 11.18 5.28
N ASN B 154 -3.16 10.79 4.09
CA ASN B 154 -2.83 11.53 2.86
C ASN B 154 -3.99 12.46 2.49
N ALA B 155 -4.86 12.72 3.46
CA ALA B 155 -6.08 13.51 3.26
C ALA B 155 -5.80 14.99 3.30
N GLU B 156 -6.71 15.76 2.70
CA GLU B 156 -6.53 17.25 2.58
C GLU B 156 -6.43 17.95 3.88
N GLN B 157 -7.29 17.55 4.78
CA GLN B 157 -7.32 18.15 6.11
C GLN B 157 -7.42 17.10 7.22
N LYS B 158 -6.55 17.29 8.18
CA LYS B 158 -6.43 16.42 9.35
C LYS B 158 -7.29 16.92 10.48
N VAL B 159 -7.83 16.00 11.25
CA VAL B 159 -8.53 16.36 12.52
C VAL B 159 -7.60 16.78 13.64
N THR B 160 -8.11 17.74 14.39
CA THR B 160 -7.49 18.23 15.64
C THR B 160 -8.48 18.35 16.78
N GLY B 161 -7.91 18.55 17.94
CA GLY B 161 -8.68 18.68 19.16
C GLY B 161 -8.99 17.35 19.77
N ASP B 162 -9.94 17.40 20.68
CA ASP B 162 -10.23 16.28 21.59
C ASP B 162 -11.25 15.34 21.03
N GLY B 163 -11.24 14.18 21.66
CA GLY B 163 -12.00 13.00 21.22
C GLY B 163 -11.22 12.19 20.19
N TRP B 164 -10.15 12.82 19.71
CA TRP B 164 -9.26 12.21 18.72
C TRP B 164 -8.01 11.63 19.35
N SER B 165 -7.84 10.33 19.13
CA SER B 165 -6.56 9.64 19.41
C SER B 165 -5.42 10.26 18.63
N GLU B 166 -4.23 9.86 19.05
CA GLU B 166 -2.97 10.42 18.53
C GLU B 166 -2.74 9.96 17.14
N CYS B 167 -3.08 8.70 16.97
CA CYS B 167 -3.00 8.03 15.67
C CYS B 167 -3.93 8.71 14.65
N ALA B 168 -5.11 9.11 15.12
CA ALA B 168 -6.14 9.65 14.23
C ALA B 168 -5.75 11.02 13.73
N LYS B 169 -5.04 11.75 14.58
CA LYS B 169 -4.54 13.11 14.23
C LYS B 169 -3.46 13.10 13.16
N ARG B 170 -3.13 11.91 12.68
CA ARG B 170 -2.18 11.75 11.54
C ARG B 170 -2.89 12.10 10.25
N GLY B 171 -4.20 12.22 10.38
CA GLY B 171 -5.08 12.37 9.21
C GLY B 171 -6.48 12.79 9.50
N LEU B 172 -7.22 12.91 8.42
CA LEU B 172 -8.68 12.89 8.47
C LEU B 172 -9.00 11.60 9.20
N ALA B 173 -9.96 11.67 10.09
CA ALA B 173 -10.38 10.49 10.83
C ALA B 173 -11.87 10.42 11.09
N VAL B 174 -12.30 9.20 11.35
CA VAL B 174 -13.70 8.87 11.60
C VAL B 174 -13.83 7.95 12.80
N LYS B 175 -14.82 8.25 13.63
CA LYS B 175 -15.05 7.48 14.86
C LYS B 175 -15.92 6.27 14.58
N PRO B 176 -15.53 5.08 15.07
CA PRO B 176 -16.56 4.06 15.03
C PRO B 176 -17.71 4.36 15.95
N ILE B 177 -18.82 4.54 15.28
CA ILE B 177 -20.16 4.77 15.88
C ILE B 177 -21.13 3.75 15.25
N LYS B 178 -21.72 2.92 16.08
CA LYS B 178 -22.59 1.83 15.63
C LYS B 178 -23.59 2.35 14.65
N GLY B 179 -23.66 1.67 13.50
CA GLY B 179 -24.63 1.98 12.45
C GLY B 179 -24.19 2.95 11.38
N ASP B 180 -23.16 3.74 11.70
CA ASP B 180 -22.51 4.67 10.73
C ASP B 180 -21.66 3.86 9.72
N ALA B 181 -21.57 4.38 8.51
CA ALA B 181 -20.71 3.77 7.48
C ALA B 181 -19.94 4.81 6.72
N LEU B 182 -18.65 4.56 6.67
CA LEU B 182 -17.75 5.38 5.84
C LEU B 182 -17.68 4.84 4.42
N MET B 183 -17.95 5.75 3.51
CA MET B 183 -17.84 5.57 2.05
C MET B 183 -16.73 6.46 1.52
N PHE B 184 -15.77 5.81 0.87
CA PHE B 184 -14.69 6.51 0.13
C PHE B 184 -14.30 5.82 -1.15
N TYR B 185 -13.80 6.70 -2.03
CA TYR B 185 -13.38 6.38 -3.41
C TYR B 185 -11.89 6.13 -3.47
N SER B 186 -11.55 5.01 -4.11
CA SER B 186 -10.15 4.58 -4.31
C SER B 186 -9.61 5.08 -5.65
N LEU B 187 -10.55 5.43 -6.51
CA LEU B 187 -10.23 5.97 -7.84
C LEU B 187 -10.86 7.31 -7.99
N LYS B 188 -10.15 8.12 -8.73
N LYS B 188 -10.14 8.13 -8.72
CA LYS B 188 -10.66 9.42 -9.16
CA LYS B 188 -10.65 9.43 -9.17
C LYS B 188 -11.79 9.17 -10.17
C LYS B 188 -11.78 9.18 -10.17
N PRO B 189 -12.58 10.22 -10.49
CA PRO B 189 -13.69 10.00 -11.43
C PRO B 189 -13.31 9.47 -12.83
N ASP B 190 -12.07 9.68 -13.19
CA ASP B 190 -11.54 9.25 -14.50
C ASP B 190 -10.91 7.85 -14.44
N GLY B 191 -11.06 7.23 -13.30
CA GLY B 191 -10.65 5.84 -13.10
C GLY B 191 -9.20 5.62 -12.74
N SER B 192 -8.44 6.70 -12.67
CA SER B 192 -7.09 6.65 -12.10
C SER B 192 -7.06 6.46 -10.57
N ASN B 193 -5.96 5.88 -10.13
CA ASN B 193 -5.77 5.55 -8.74
C ASN B 193 -5.63 6.83 -7.91
N ASP B 194 -6.30 6.89 -6.77
CA ASP B 194 -6.19 8.09 -5.89
C ASP B 194 -5.40 7.83 -4.58
N PRO B 195 -4.11 8.14 -4.55
CA PRO B 195 -3.33 7.81 -3.37
C PRO B 195 -3.78 8.54 -2.11
N ALA B 196 -4.64 9.55 -2.30
CA ALA B 196 -5.22 10.29 -1.14
C ALA B 196 -6.16 9.41 -0.38
N SER B 197 -6.36 8.24 -0.91
CA SER B 197 -7.35 7.35 -0.34
C SER B 197 -6.71 6.39 0.65
N LEU B 198 -5.42 6.65 0.86
CA LEU B 198 -4.65 5.86 1.84
C LEU B 198 -5.45 5.82 3.15
N HIS B 199 -5.59 4.62 3.69
CA HIS B 199 -6.37 4.45 4.94
C HIS B 199 -5.92 3.25 5.77
N GLY B 200 -6.01 3.49 7.06
CA GLY B 200 -5.77 2.47 8.08
C GLY B 200 -6.69 2.64 9.25
N SER B 201 -6.38 1.87 10.26
CA SER B 201 -7.17 1.76 11.50
C SER B 201 -6.27 1.94 12.69
N CYS B 202 -6.70 2.86 13.55
CA CYS B 202 -5.93 3.15 14.78
C CYS B 202 -6.20 2.15 15.89
N PRO B 203 -5.19 1.90 16.73
CA PRO B 203 -5.50 1.03 17.86
C PRO B 203 -6.60 1.54 18.76
N THR B 204 -7.38 0.55 19.18
CA THR B 204 -8.51 0.72 20.11
C THR B 204 -7.99 0.90 21.53
N LEU B 205 -8.40 2.01 22.12
CA LEU B 205 -7.91 2.46 23.43
C LEU B 205 -8.87 2.07 24.53
N LYS B 206 -10.14 2.18 24.16
CA LYS B 206 -11.26 1.65 24.97
C LYS B 206 -12.45 1.24 24.10
N GLY B 207 -12.82 0.01 24.33
CA GLY B 207 -13.86 -0.65 23.56
C GLY B 207 -13.37 -1.83 22.75
N ASP B 208 -14.18 -2.12 21.76
CA ASP B 208 -14.09 -3.34 20.95
C ASP B 208 -14.66 -3.14 19.55
N LYS B 209 -13.74 -2.87 18.65
CA LYS B 209 -14.09 -2.52 17.27
C LYS B 209 -14.50 -3.74 16.50
N TRP B 210 -15.74 -3.65 16.01
CA TRP B 210 -16.27 -4.56 15.02
C TRP B 210 -16.73 -3.74 13.80
N SER B 211 -16.41 -4.27 12.63
CA SER B 211 -16.85 -3.65 11.33
C SER B 211 -17.15 -4.67 10.30
N ALA B 212 -17.88 -4.22 9.29
CA ALA B 212 -18.26 -5.02 8.09
C ALA B 212 -18.01 -4.17 6.86
N THR B 213 -17.30 -4.78 5.93
CA THR B 213 -16.84 -4.00 4.79
C THR B 213 -17.27 -4.60 3.50
N LYS B 214 -17.54 -3.67 2.61
CA LYS B 214 -17.90 -3.97 1.25
C LYS B 214 -16.95 -3.22 0.26
N TRP B 215 -16.36 -3.99 -0.62
CA TRP B 215 -15.50 -3.49 -1.73
C TRP B 215 -16.22 -3.68 -3.03
N ILE B 216 -16.23 -2.58 -3.76
CA ILE B 216 -16.97 -2.44 -5.02
C ILE B 216 -16.01 -2.08 -6.17
N HIS B 217 -16.14 -2.89 -7.23
CA HIS B 217 -15.28 -2.84 -8.39
C HIS B 217 -15.96 -2.06 -9.53
N VAL B 218 -15.15 -1.82 -10.55
CA VAL B 218 -15.59 -1.07 -11.73
C VAL B 218 -16.31 -1.92 -12.71
N ALA B 219 -16.20 -3.23 -12.52
CA ALA B 219 -16.84 -4.16 -13.42
C ALA B 219 -17.40 -5.40 -12.69
N PRO B 220 -18.13 -6.26 -13.39
CA PRO B 220 -18.64 -7.38 -12.64
C PRO B 220 -17.57 -8.33 -12.17
N ILE B 221 -17.74 -8.87 -10.97
CA ILE B 221 -16.72 -9.76 -10.38
C ILE B 221 -16.69 -11.16 -11.00
N GLY B 222 -17.76 -11.46 -11.69
CA GLY B 222 -17.87 -12.65 -12.55
C GLY B 222 -16.67 -12.85 -13.46
N TRP C 10 32.14 0.28 11.70
CA TRP C 10 33.19 -0.59 11.09
C TRP C 10 33.04 -0.65 9.56
N ARG C 11 34.16 -0.48 8.83
CA ARG C 11 34.31 -0.98 7.47
C ARG C 11 35.64 -1.62 7.25
N GLY C 12 35.56 -2.90 6.98
CA GLY C 12 36.72 -3.63 6.57
C GLY C 12 36.45 -4.56 5.42
N GLU C 13 37.52 -5.15 4.98
CA GLU C 13 37.48 -6.24 4.01
C GLU C 13 36.61 -7.42 4.48
N VAL C 14 35.54 -7.62 3.74
CA VAL C 14 34.66 -8.80 3.98
C VAL C 14 35.14 -9.85 3.03
N VAL C 15 34.66 -11.06 3.27
CA VAL C 15 35.13 -12.27 2.54
C VAL C 15 34.02 -13.35 2.47
N HIS C 16 33.51 -13.51 1.27
CA HIS C 16 32.45 -14.50 1.02
C HIS C 16 33.02 -15.89 1.11
N LEU C 17 32.52 -16.67 2.05
CA LEU C 17 33.04 -18.05 2.19
C LEU C 17 32.15 -19.03 1.46
N SER C 18 30.85 -18.80 1.58
CA SER C 18 29.87 -19.84 1.21
C SER C 18 28.48 -19.29 1.06
N TRP C 19 27.70 -19.88 0.19
CA TRP C 19 26.27 -19.54 0.09
C TRP C 19 25.42 -20.56 0.82
N SER C 20 25.96 -21.78 0.89
CA SER C 20 25.31 -22.89 1.59
C SER C 20 26.30 -23.60 2.49
N PRO C 21 26.29 -23.27 3.80
CA PRO C 21 25.49 -22.24 4.42
C PRO C 21 25.96 -20.86 4.04
N ARG C 22 25.15 -19.89 4.39
CA ARG C 22 25.47 -18.48 4.22
C ARG C 22 26.52 -18.06 5.27
N ALA C 23 27.71 -17.73 4.78
CA ALA C 23 28.85 -17.50 5.62
C ALA C 23 29.82 -16.51 5.02
N PHE C 24 30.23 -15.60 5.88
CA PHE C 24 31.09 -14.52 5.51
C PHE C 24 32.16 -14.33 6.55
N LEU C 25 33.38 -14.08 6.12
CA LEU C 25 34.51 -13.74 7.03
C LEU C 25 34.84 -12.28 6.98
N LEU C 26 34.66 -11.65 8.13
CA LEU C 26 34.96 -10.22 8.29
C LEU C 26 36.39 -10.08 8.85
N LYS C 27 37.25 -9.48 8.05
CA LYS C 27 38.67 -9.39 8.38
C LYS C 27 38.85 -8.19 9.27
N ASN C 28 39.59 -8.45 10.33
CA ASN C 28 39.93 -7.39 11.26
C ASN C 28 38.74 -6.71 11.87
N PHE C 29 37.74 -7.52 12.13
CA PHE C 29 36.53 -7.02 12.81
C PHE C 29 36.80 -6.40 14.19
N LEU C 30 37.68 -7.06 14.91
CA LEU C 30 38.10 -6.56 16.21
C LEU C 30 39.59 -6.23 16.11
N SER C 31 39.96 -5.22 16.87
CA SER C 31 41.35 -4.83 17.04
C SER C 31 41.98 -5.73 18.09
N ASP C 32 43.28 -5.87 17.97
CA ASP C 32 44.11 -6.66 18.90
C ASP C 32 43.80 -6.22 20.32
N GLU C 33 43.70 -4.91 20.47
CA GLU C 33 43.47 -4.31 21.78
C GLU C 33 42.18 -4.78 22.40
N GLU C 34 41.16 -4.91 21.55
CA GLU C 34 39.84 -5.38 21.99
C GLU C 34 39.89 -6.85 22.40
N CYS C 35 40.56 -7.66 21.60
CA CYS C 35 40.59 -9.12 21.87
C CYS C 35 41.28 -9.34 23.20
N ASP C 36 42.43 -8.70 23.31
CA ASP C 36 43.25 -8.81 24.53
C ASP C 36 42.42 -8.41 25.77
N TYR C 37 41.65 -7.35 25.61
CA TYR C 37 40.79 -6.86 26.72
C TYR C 37 39.71 -7.88 27.15
N ILE C 38 39.06 -8.47 26.18
CA ILE C 38 37.97 -9.44 26.46
C ILE C 38 38.49 -10.68 27.18
N VAL C 39 39.67 -11.09 26.76
CA VAL C 39 40.30 -12.30 27.31
C VAL C 39 40.68 -12.04 28.77
N GLU C 40 41.33 -10.93 29.00
CA GLU C 40 41.70 -10.64 30.38
C GLU C 40 40.45 -10.58 31.24
N LYS C 41 39.43 -9.90 30.72
CA LYS C 41 38.18 -9.64 31.49
C LYS C 41 37.47 -10.98 31.83
N ALA C 42 37.62 -11.88 30.89
CA ALA C 42 36.93 -13.18 30.93
C ALA C 42 37.57 -14.18 31.86
N ARG C 43 38.90 -14.15 31.83
CA ARG C 43 39.75 -15.19 32.47
C ARG C 43 39.27 -15.73 33.83
N PRO C 44 39.09 -14.85 34.80
CA PRO C 44 38.75 -15.28 36.14
C PRO C 44 37.42 -15.93 36.28
N LYS C 45 36.64 -15.90 35.22
CA LYS C 45 35.20 -16.28 35.33
C LYS C 45 34.81 -17.57 34.63
N MET C 46 35.79 -18.10 33.94
CA MET C 46 35.55 -19.19 33.03
C MET C 46 35.14 -20.47 33.75
N VAL C 47 34.00 -21.00 33.33
CA VAL C 47 33.49 -22.30 33.86
C VAL C 47 33.15 -23.15 32.69
N LYS C 48 32.91 -24.44 32.91
CA LYS C 48 32.69 -25.36 31.77
C LYS C 48 31.42 -25.02 31.03
N SER C 49 31.51 -25.12 29.72
CA SER C 49 30.38 -24.80 28.85
C SER C 49 29.32 -25.89 28.95
N SER C 50 28.16 -25.48 28.53
CA SER C 50 26.99 -26.32 28.57
C SER C 50 26.14 -26.22 27.30
N VAL C 51 25.35 -27.24 27.13
CA VAL C 51 24.45 -27.29 26.01
C VAL C 51 23.03 -27.54 26.56
N VAL C 52 22.09 -27.30 25.69
CA VAL C 52 20.67 -27.54 25.98
C VAL C 52 20.19 -28.89 25.37
N ASP C 53 19.45 -29.63 26.19
CA ASP C 53 18.95 -30.94 25.78
C ASP C 53 17.93 -30.68 24.67
N ASN C 54 18.02 -31.57 23.68
CA ASN C 54 17.26 -31.44 22.44
C ASN C 54 15.77 -31.46 22.62
N GLU C 55 15.33 -32.15 23.66
N GLU C 55 15.39 -32.16 23.67
CA GLU C 55 13.89 -32.35 23.89
CA GLU C 55 13.98 -32.49 24.01
C GLU C 55 13.31 -31.61 25.06
C GLU C 55 13.38 -31.48 24.96
N SER C 56 14.16 -31.15 25.98
CA SER C 56 13.66 -30.42 27.16
C SER C 56 14.05 -28.98 27.32
N GLY C 57 15.13 -28.64 26.64
CA GLY C 57 15.68 -27.29 26.68
C GLY C 57 16.51 -27.02 27.90
N LYS C 58 16.66 -28.07 28.71
CA LYS C 58 17.49 -27.95 29.92
C LYS C 58 18.98 -27.89 29.54
N SER C 59 19.67 -27.00 30.25
CA SER C 59 21.11 -26.88 30.20
C SER C 59 21.76 -28.07 30.89
N VAL C 60 22.66 -28.68 30.15
CA VAL C 60 23.38 -29.86 30.61
C VAL C 60 24.85 -29.82 30.20
N ASP C 61 25.64 -30.46 31.06
CA ASP C 61 27.09 -30.73 30.90
C ASP C 61 27.15 -31.80 29.87
N SER C 62 28.09 -31.70 28.97
CA SER C 62 28.16 -32.65 27.88
C SER C 62 29.54 -32.83 27.34
N GLU C 63 29.82 -34.08 27.05
CA GLU C 63 31.15 -34.48 26.61
C GLU C 63 31.42 -33.89 25.25
N ILE C 64 30.35 -33.51 24.59
CA ILE C 64 30.43 -33.14 23.16
C ILE C 64 30.86 -31.68 23.02
N ARG C 65 30.85 -31.00 24.15
CA ARG C 65 31.24 -29.60 24.27
C ARG C 65 32.12 -29.34 25.51
N THR C 66 33.44 -29.22 25.30
CA THR C 66 34.42 -29.25 26.41
C THR C 66 35.22 -27.97 26.64
N SER C 67 34.79 -26.92 25.99
CA SER C 67 35.33 -25.60 26.26
C SER C 67 34.90 -25.15 27.65
N THR C 68 35.55 -24.10 28.10
CA THR C 68 35.03 -23.29 29.17
C THR C 68 34.50 -21.97 28.61
N GLY C 69 33.79 -21.27 29.47
CA GLY C 69 33.12 -20.06 29.01
C GLY C 69 32.63 -19.16 30.11
N THR C 70 32.29 -17.97 29.66
CA THR C 70 31.55 -17.00 30.45
C THR C 70 30.67 -16.12 29.56
N TRP C 71 29.88 -15.33 30.26
CA TRP C 71 28.95 -14.36 29.68
C TRP C 71 29.18 -12.97 30.15
N PHE C 72 29.05 -12.06 29.21
CA PHE C 72 28.98 -10.63 29.54
C PHE C 72 27.66 -10.05 29.09
N ALA C 73 26.95 -9.56 30.08
CA ALA C 73 25.67 -8.92 29.90
C ALA C 73 25.83 -7.70 29.01
N LYS C 74 24.73 -7.39 28.36
CA LYS C 74 24.69 -6.32 27.37
C LYS C 74 24.77 -5.00 28.08
N GLY C 75 25.62 -4.17 27.51
CA GLY C 75 25.74 -2.78 27.90
C GLY C 75 26.54 -2.52 29.17
N GLU C 76 27.13 -3.56 29.71
CA GLU C 76 27.81 -3.41 31.01
C GLU C 76 29.31 -3.13 30.99
N ASP C 77 29.75 -2.61 29.87
CA ASP C 77 31.18 -2.33 29.67
C ASP C 77 31.36 -1.60 28.36
N SER C 78 32.05 -0.48 28.41
CA SER C 78 32.06 0.44 27.26
C SER C 78 32.97 -0.02 26.13
N VAL C 79 33.89 -0.92 26.42
CA VAL C 79 34.73 -1.49 25.36
C VAL C 79 33.87 -2.47 24.60
N ILE C 80 33.10 -3.20 25.39
CA ILE C 80 32.26 -4.30 24.88
C ILE C 80 31.05 -3.73 24.14
N SER C 81 30.61 -2.57 24.59
CA SER C 81 29.39 -1.94 24.04
C SER C 81 29.61 -1.49 22.61
N LYS C 82 30.82 -1.04 22.35
CA LYS C 82 31.17 -0.48 21.04
C LYS C 82 31.19 -1.62 20.03
N ILE C 83 31.63 -2.75 20.55
CA ILE C 83 31.70 -4.01 19.83
C ILE C 83 30.28 -4.49 19.53
N GLU C 84 29.47 -4.50 20.57
CA GLU C 84 28.06 -4.89 20.46
C GLU C 84 27.36 -4.18 19.29
N LYS C 85 27.58 -2.88 19.24
CA LYS C 85 26.92 -2.02 18.24
C LYS C 85 27.43 -2.29 16.84
N ARG C 86 28.72 -2.64 16.79
CA ARG C 86 29.37 -2.98 15.51
C ARG C 86 28.79 -4.28 14.96
N VAL C 87 28.49 -5.20 15.85
CA VAL C 87 27.84 -6.52 15.49
C VAL C 87 26.38 -6.26 15.02
N ALA C 88 25.72 -5.28 15.64
CA ALA C 88 24.33 -4.90 15.21
C ALA C 88 24.38 -4.32 13.81
N GLN C 89 25.35 -3.46 13.60
N GLN C 89 25.37 -3.46 13.68
CA GLN C 89 25.47 -2.77 12.32
CA GLN C 89 25.71 -2.70 12.45
C GLN C 89 25.73 -3.74 11.18
C GLN C 89 25.87 -3.61 11.22
N VAL C 90 26.67 -4.66 11.40
CA VAL C 90 27.03 -5.59 10.28
C VAL C 90 26.00 -6.64 9.98
N THR C 91 25.30 -7.05 11.03
CA THR C 91 24.30 -8.16 10.90
C THR C 91 22.94 -7.62 10.44
N MET C 92 22.79 -6.34 10.69
CA MET C 92 21.61 -5.56 10.35
C MET C 92 20.36 -6.00 11.14
N ILE C 93 20.64 -6.40 12.37
CA ILE C 93 19.62 -6.85 13.34
C ILE C 93 19.80 -6.08 14.65
N PRO C 94 18.69 -5.51 15.18
CA PRO C 94 18.84 -4.59 16.32
C PRO C 94 19.29 -5.27 17.62
N LEU C 95 19.95 -4.46 18.44
CA LEU C 95 20.55 -4.91 19.76
C LEU C 95 19.62 -5.73 20.67
N GLU C 96 18.33 -5.51 20.48
CA GLU C 96 17.28 -6.15 21.32
C GLU C 96 17.22 -7.63 21.09
N ASN C 97 17.63 -8.05 19.91
CA ASN C 97 17.50 -9.45 19.50
C ASN C 97 18.73 -10.30 19.84
N HIS C 98 19.70 -9.65 20.43
CA HIS C 98 21.05 -10.22 20.70
C HIS C 98 21.17 -10.80 22.12
N GLU C 99 21.73 -12.02 22.23
CA GLU C 99 22.17 -12.52 23.52
C GLU C 99 23.38 -11.75 23.96
N GLY C 100 23.70 -11.94 25.22
CA GLY C 100 24.93 -11.38 25.84
C GLY C 100 26.15 -12.01 25.17
N LEU C 101 27.24 -11.29 25.21
CA LEU C 101 28.55 -11.79 24.69
C LEU C 101 29.01 -13.04 25.44
N GLN C 102 29.10 -14.12 24.68
CA GLN C 102 29.68 -15.39 25.12
C GLN C 102 31.20 -15.43 24.80
N VAL C 103 32.00 -15.67 25.82
CA VAL C 103 33.45 -15.82 25.70
C VAL C 103 33.84 -17.23 26.03
N LEU C 104 34.68 -17.75 25.16
CA LEU C 104 35.00 -19.16 25.17
C LEU C 104 36.51 -19.39 25.08
N HIS C 105 36.91 -20.46 25.76
CA HIS C 105 38.28 -20.97 25.76
C HIS C 105 38.32 -22.48 25.49
N TYR C 106 39.08 -22.80 24.49
CA TYR C 106 39.46 -24.21 24.21
C TYR C 106 40.97 -24.39 24.18
N HIS C 107 41.45 -25.40 24.87
CA HIS C 107 42.86 -25.86 24.78
C HIS C 107 42.95 -27.36 25.00
N ASP C 108 44.05 -27.89 24.52
CA ASP C 108 44.51 -29.23 24.86
C ASP C 108 43.48 -30.34 24.60
N GLY C 109 42.94 -30.26 23.41
CA GLY C 109 42.00 -31.27 22.89
C GLY C 109 40.55 -30.86 22.97
N GLN C 110 40.26 -29.81 23.72
CA GLN C 110 38.87 -29.34 23.91
C GLN C 110 38.28 -28.94 22.60
N LYS C 111 36.98 -29.19 22.50
CA LYS C 111 36.29 -29.11 21.23
C LYS C 111 34.80 -28.84 21.43
N TYR C 112 34.14 -28.65 20.29
CA TYR C 112 32.66 -28.63 20.16
C TYR C 112 32.23 -29.40 18.92
N GLU C 113 31.67 -30.56 19.17
CA GLU C 113 31.22 -31.45 18.07
C GLU C 113 30.20 -30.70 17.23
N PRO C 114 30.13 -31.05 15.94
CA PRO C 114 29.25 -30.34 15.02
C PRO C 114 27.78 -30.37 15.47
N HIS C 115 27.18 -29.19 15.48
CA HIS C 115 25.83 -28.99 16.04
C HIS C 115 25.18 -27.82 15.32
N TYR C 116 23.91 -27.56 15.60
CA TYR C 116 23.24 -26.34 15.10
C TYR C 116 23.07 -25.31 16.18
N ASP C 117 23.12 -24.03 15.80
CA ASP C 117 22.84 -22.95 16.83
C ASP C 117 21.36 -22.74 17.09
N TYR C 118 20.56 -23.10 16.11
CA TYR C 118 19.12 -23.07 16.28
C TYR C 118 18.69 -24.20 17.16
N PHE C 119 17.71 -23.84 17.96
CA PHE C 119 17.20 -24.77 18.99
C PHE C 119 16.21 -25.74 18.39
N HIS C 120 16.18 -26.91 19.00
N HIS C 120 16.18 -26.89 19.04
CA HIS C 120 15.19 -27.97 18.67
CA HIS C 120 15.31 -28.00 18.68
C HIS C 120 14.08 -27.98 19.68
C HIS C 120 14.22 -28.20 19.71
N ASP C 121 14.45 -27.63 20.88
CA ASP C 121 13.58 -27.79 22.07
C ASP C 121 12.41 -26.82 22.12
N PRO C 122 11.38 -27.20 22.90
CA PRO C 122 10.14 -26.42 22.86
C PRO C 122 10.21 -25.12 23.61
N VAL C 123 11.33 -24.92 24.27
CA VAL C 123 11.49 -23.79 25.24
C VAL C 123 12.34 -22.62 24.70
N ASN C 124 13.53 -22.92 24.25
CA ASN C 124 14.55 -21.85 24.07
C ASN C 124 14.32 -20.90 22.86
N ALA C 125 13.45 -21.33 21.99
CA ALA C 125 13.10 -20.56 20.76
C ALA C 125 11.72 -19.90 20.88
N GLY C 126 11.28 -19.82 22.13
CA GLY C 126 9.99 -19.23 22.48
C GLY C 126 10.02 -17.72 22.42
N PRO C 127 8.83 -17.09 22.38
CA PRO C 127 8.71 -15.63 22.21
C PRO C 127 9.46 -14.81 23.23
N GLU C 128 9.44 -15.29 24.46
CA GLU C 128 10.03 -14.57 25.58
C GLU C 128 11.52 -14.56 25.46
N HIS C 129 12.00 -15.52 24.67
CA HIS C 129 13.43 -15.77 24.51
C HIS C 129 13.97 -15.23 23.19
N GLY C 130 13.12 -14.46 22.55
CA GLY C 130 13.48 -13.69 21.36
C GLY C 130 13.24 -14.46 20.08
N GLY C 131 12.61 -15.58 20.26
CA GLY C 131 12.44 -16.53 19.17
C GLY C 131 13.70 -17.26 18.79
N GLN C 132 13.67 -17.85 17.60
CA GLN C 132 14.79 -18.68 17.09
C GLN C 132 15.99 -17.79 16.86
N ARG C 133 17.17 -18.39 17.00
CA ARG C 133 18.44 -17.76 16.64
C ARG C 133 18.52 -17.75 15.12
N VAL C 134 18.94 -16.63 14.54
CA VAL C 134 19.02 -16.51 13.10
C VAL C 134 20.44 -16.37 12.59
N VAL C 135 21.23 -15.62 13.34
N VAL C 135 21.19 -15.56 13.32
CA VAL C 135 22.60 -15.33 12.93
CA VAL C 135 22.60 -15.33 13.00
C VAL C 135 23.56 -15.37 14.10
C VAL C 135 23.52 -15.56 14.17
N THR C 136 24.73 -15.97 13.84
CA THR C 136 25.83 -16.09 14.81
C THR C 136 27.09 -15.35 14.32
N MET C 137 27.68 -14.62 15.24
CA MET C 137 28.96 -13.91 14.98
C MET C 137 30.00 -14.55 15.91
N LEU C 138 31.02 -15.08 15.29
CA LEU C 138 32.13 -15.76 15.97
C LEU C 138 33.37 -14.96 15.78
N MET C 139 33.82 -14.41 16.88
CA MET C 139 34.98 -13.55 16.89
C MET C 139 36.18 -14.28 17.53
N TYR C 140 37.24 -14.35 16.76
CA TYR C 140 38.47 -15.04 17.18
C TYR C 140 39.35 -14.05 17.80
N LEU C 141 39.66 -14.36 19.05
CA LEU C 141 40.43 -13.45 19.91
C LEU C 141 41.91 -13.78 19.96
N THR C 142 42.21 -14.97 19.49
CA THR C 142 43.60 -15.44 19.42
C THR C 142 43.84 -16.10 18.10
N THR C 143 45.12 -16.24 17.76
CA THR C 143 45.50 -17.00 16.58
C THR C 143 46.07 -18.36 16.94
N VAL C 144 45.35 -19.41 16.55
CA VAL C 144 45.63 -20.81 16.97
C VAL C 144 46.62 -21.59 16.08
N GLU C 145 47.61 -22.15 16.75
CA GLU C 145 48.75 -22.77 16.06
C GLU C 145 48.35 -24.07 15.37
N GLU C 146 47.67 -24.91 16.10
CA GLU C 146 47.23 -26.17 15.51
C GLU C 146 45.91 -26.60 16.07
N GLY C 147 45.04 -26.85 15.10
CA GLY C 147 43.66 -27.21 15.32
C GLY C 147 42.78 -26.01 15.60
N GLY C 148 41.63 -26.28 16.19
CA GLY C 148 40.71 -25.24 16.63
C GLY C 148 39.96 -24.53 15.52
N GLU C 149 40.03 -25.07 14.31
CA GLU C 149 39.33 -24.45 13.20
C GLU C 149 37.82 -24.56 13.45
N THR C 150 37.08 -23.57 12.97
CA THR C 150 35.64 -23.72 12.80
C THR C 150 35.43 -24.54 11.51
N VAL C 151 34.73 -25.63 11.66
CA VAL C 151 34.44 -26.53 10.56
C VAL C 151 32.96 -26.54 10.31
N LEU C 152 32.64 -26.57 9.04
CA LEU C 152 31.27 -26.63 8.61
C LEU C 152 31.14 -27.79 7.62
N PRO C 153 30.79 -28.97 8.10
CA PRO C 153 30.87 -30.19 7.33
C PRO C 153 29.91 -30.29 6.19
N ASN C 154 28.82 -29.55 6.29
CA ASN C 154 27.73 -29.65 5.28
C ASN C 154 27.82 -28.59 4.19
N ALA C 155 28.90 -27.84 4.19
CA ALA C 155 29.16 -26.81 3.17
C ALA C 155 29.36 -27.41 1.79
N GLU C 156 29.00 -26.57 0.83
CA GLU C 156 29.07 -26.82 -0.62
C GLU C 156 30.41 -27.37 -1.10
N GLN C 157 31.46 -27.04 -0.37
CA GLN C 157 32.87 -27.26 -0.78
C GLN C 157 33.91 -27.18 0.35
N LYS C 158 34.68 -28.24 0.44
CA LYS C 158 35.72 -28.43 1.50
C LYS C 158 37.12 -27.84 1.24
N VAL C 159 37.76 -27.44 2.35
CA VAL C 159 39.15 -26.97 2.32
C VAL C 159 40.13 -28.11 2.14
N THR C 160 41.19 -27.73 1.43
CA THR C 160 42.34 -28.59 1.18
C THR C 160 43.64 -27.85 1.30
N GLY C 161 44.67 -28.65 1.45
CA GLY C 161 46.07 -28.20 1.52
C GLY C 161 46.73 -28.14 2.87
N ASP C 162 47.95 -27.64 2.80
CA ASP C 162 48.81 -27.36 3.98
C ASP C 162 48.11 -26.47 4.96
N GLY C 163 48.24 -26.86 6.22
CA GLY C 163 47.83 -26.04 7.35
C GLY C 163 46.42 -26.20 7.87
N TRP C 164 45.79 -27.31 7.49
CA TRP C 164 44.47 -27.68 8.07
C TRP C 164 44.61 -28.98 8.79
N SER C 165 44.00 -29.04 9.95
CA SER C 165 43.95 -30.29 10.75
C SER C 165 43.02 -31.28 10.02
N GLU C 166 43.10 -32.54 10.40
CA GLU C 166 42.41 -33.58 9.60
C GLU C 166 40.92 -33.33 9.79
N CYS C 167 40.66 -32.81 10.97
CA CYS C 167 39.30 -32.43 11.37
C CYS C 167 38.76 -31.40 10.38
N ALA C 168 39.59 -30.38 10.14
CA ALA C 168 39.15 -29.21 9.37
C ALA C 168 38.79 -29.57 7.96
N LYS C 169 39.49 -30.58 7.48
CA LYS C 169 39.38 -30.96 6.05
C LYS C 169 38.17 -31.83 5.81
N ARG C 170 37.34 -31.94 6.82
CA ARG C 170 36.05 -32.64 6.68
C ARG C 170 34.92 -31.69 6.30
N GLY C 171 35.28 -30.45 6.02
CA GLY C 171 34.33 -29.41 5.62
C GLY C 171 35.00 -28.14 5.14
N LEU C 172 34.18 -27.13 4.88
CA LEU C 172 34.67 -25.74 4.80
C LEU C 172 35.21 -25.48 6.16
N ALA C 173 36.27 -24.73 6.26
CA ALA C 173 36.85 -24.46 7.56
C ALA C 173 37.52 -23.11 7.60
N VAL C 174 37.60 -22.58 8.81
CA VAL C 174 38.13 -21.26 9.10
C VAL C 174 39.13 -21.37 10.24
N LYS C 175 40.33 -20.93 9.91
CA LYS C 175 41.44 -20.91 10.85
C LYS C 175 41.13 -19.73 11.75
N PRO C 176 41.24 -19.93 13.07
CA PRO C 176 41.20 -18.83 14.04
C PRO C 176 42.40 -17.92 13.96
N ILE C 177 42.10 -16.74 13.45
CA ILE C 177 43.05 -15.65 13.34
C ILE C 177 42.60 -14.45 14.15
N LYS C 178 43.54 -13.95 14.94
CA LYS C 178 43.23 -12.81 15.84
C LYS C 178 42.61 -11.63 15.11
N GLY C 179 41.40 -11.31 15.51
CA GLY C 179 40.71 -10.11 15.02
C GLY C 179 39.63 -10.36 13.97
N ASP C 180 39.67 -11.56 13.43
CA ASP C 180 38.72 -11.94 12.38
C ASP C 180 37.40 -12.30 13.05
N ALA C 181 36.31 -12.11 12.34
CA ALA C 181 34.99 -12.72 12.72
C ALA C 181 34.23 -13.44 11.60
N LEU C 182 33.70 -14.59 11.97
CA LEU C 182 32.87 -15.37 11.07
C LEU C 182 31.40 -15.21 11.35
N MET C 183 30.71 -14.62 10.38
CA MET C 183 29.27 -14.48 10.42
C MET C 183 28.57 -15.56 9.59
N PHE C 184 27.69 -16.29 10.21
CA PHE C 184 26.89 -17.25 9.46
C PHE C 184 25.45 -17.29 9.94
N TYR C 185 24.59 -17.68 9.00
CA TYR C 185 23.14 -17.78 9.22
C TYR C 185 22.69 -19.18 9.56
N SER C 186 21.89 -19.28 10.63
CA SER C 186 21.34 -20.61 11.07
C SER C 186 20.01 -20.98 10.38
N LEU C 187 19.32 -19.90 9.99
CA LEU C 187 18.08 -20.00 9.20
C LEU C 187 18.32 -19.47 7.79
N LYS C 188 17.42 -19.93 6.92
CA LYS C 188 17.28 -19.44 5.54
C LYS C 188 16.55 -18.10 5.52
N PRO C 189 16.65 -17.38 4.41
CA PRO C 189 15.98 -16.11 4.42
C PRO C 189 14.48 -16.14 4.73
N ASP C 190 13.89 -17.29 4.64
CA ASP C 190 12.45 -17.43 4.83
C ASP C 190 12.14 -17.88 6.26
N GLY C 191 13.17 -17.95 7.08
CA GLY C 191 13.06 -18.39 8.47
C GLY C 191 13.07 -19.89 8.75
N SER C 192 13.13 -20.71 7.73
CA SER C 192 13.31 -22.17 7.95
C SER C 192 14.73 -22.54 8.39
N ASN C 193 14.82 -23.66 9.10
CA ASN C 193 16.11 -24.12 9.57
C ASN C 193 16.98 -24.37 8.35
N ASP C 194 18.24 -23.94 8.44
CA ASP C 194 19.27 -24.32 7.47
C ASP C 194 20.22 -25.42 8.00
N PRO C 195 20.00 -26.65 7.56
CA PRO C 195 20.86 -27.71 8.00
C PRO C 195 22.29 -27.61 7.45
N ALA C 196 22.50 -26.79 6.45
CA ALA C 196 23.86 -26.61 5.93
C ALA C 196 24.72 -25.84 6.92
N SER C 197 24.07 -25.30 7.92
CA SER C 197 24.75 -24.47 8.95
C SER C 197 25.38 -25.31 10.04
N LEU C 198 25.37 -26.62 9.84
CA LEU C 198 26.03 -27.49 10.84
C LEU C 198 27.48 -27.00 11.01
N HIS C 199 27.88 -26.74 12.25
CA HIS C 199 29.25 -26.33 12.50
C HIS C 199 29.79 -26.79 13.86
N GLY C 200 31.10 -26.79 13.92
CA GLY C 200 31.82 -27.21 15.13
C GLY C 200 33.19 -26.61 15.24
N SER C 201 33.75 -26.80 16.42
CA SER C 201 35.13 -26.41 16.69
C SER C 201 36.00 -27.64 16.84
N CYS C 202 36.97 -27.71 15.95
CA CYS C 202 37.90 -28.83 15.86
C CYS C 202 38.79 -28.85 17.09
N PRO C 203 39.10 -30.06 17.63
CA PRO C 203 39.99 -30.09 18.80
C PRO C 203 41.17 -29.10 18.66
N THR C 204 41.33 -28.28 19.69
CA THR C 204 42.50 -27.36 19.79
C THR C 204 43.67 -28.17 20.32
N LEU C 205 44.76 -28.19 19.56
CA LEU C 205 45.86 -29.12 19.77
C LEU C 205 47.08 -28.43 20.26
N LYS C 206 47.38 -27.36 19.57
CA LYS C 206 48.44 -26.45 19.99
C LYS C 206 47.91 -25.04 19.94
N GLY C 207 47.95 -24.40 21.09
CA GLY C 207 47.42 -23.08 21.26
C GLY C 207 46.27 -23.03 22.26
N ASP C 208 46.04 -21.80 22.70
CA ASP C 208 44.83 -21.41 23.39
C ASP C 208 43.84 -20.63 22.52
N LYS C 209 42.80 -21.32 22.13
CA LYS C 209 41.69 -20.73 21.37
C LYS C 209 40.74 -19.99 22.30
N TRP C 210 40.74 -18.68 22.16
CA TRP C 210 39.75 -17.80 22.81
C TRP C 210 38.87 -17.21 21.77
N SER C 211 37.57 -17.29 21.96
CA SER C 211 36.69 -16.66 20.98
C SER C 211 35.61 -15.96 21.71
N ALA C 212 34.84 -15.24 20.94
CA ALA C 212 33.64 -14.56 21.46
C ALA C 212 32.47 -14.75 20.50
N THR C 213 31.28 -14.95 21.04
CA THR C 213 30.05 -15.14 20.20
C THR C 213 28.91 -14.20 20.58
N LYS C 214 28.22 -13.81 19.52
CA LYS C 214 26.90 -13.12 19.62
C LYS C 214 25.92 -14.01 18.86
N TRP C 215 25.07 -14.66 19.62
CA TRP C 215 23.93 -15.34 19.05
C TRP C 215 22.72 -14.38 18.95
N ILE C 216 22.30 -14.16 17.73
CA ILE C 216 21.27 -13.16 17.39
C ILE C 216 19.98 -13.86 17.00
N HIS C 217 18.90 -13.40 17.63
CA HIS C 217 17.53 -13.94 17.43
C HIS C 217 16.68 -13.11 16.42
N VAL C 218 15.56 -13.72 16.06
CA VAL C 218 14.63 -13.20 15.02
C VAL C 218 13.75 -12.09 15.59
N ALA C 219 13.66 -12.09 16.91
CA ALA C 219 12.84 -11.13 17.68
C ALA C 219 13.53 -10.67 18.98
N PRO C 220 13.00 -9.60 19.60
CA PRO C 220 13.64 -9.11 20.80
C PRO C 220 13.48 -10.09 21.94
N ILE C 221 14.56 -10.18 22.69
CA ILE C 221 14.61 -11.04 23.87
C ILE C 221 13.97 -10.30 25.04
N GLY C 222 12.95 -10.95 25.59
CA GLY C 222 12.16 -10.42 26.69
C GLY C 222 10.90 -9.71 26.19
N GLU D 9 33.58 -7.85 -1.84
CA GLU D 9 34.71 -7.23 -2.61
C GLU D 9 34.50 -5.73 -2.80
N TRP D 10 33.26 -5.33 -2.53
CA TRP D 10 32.84 -3.91 -2.51
C TRP D 10 32.93 -3.37 -1.09
N ARG D 11 33.89 -2.49 -0.88
CA ARG D 11 34.13 -1.96 0.45
C ARG D 11 33.87 -0.50 0.46
N GLY D 12 32.68 -0.19 0.96
CA GLY D 12 32.21 1.18 1.03
C GLY D 12 31.63 1.54 2.38
N GLU D 13 31.45 2.84 2.48
CA GLU D 13 30.80 3.44 3.61
C GLU D 13 29.32 3.03 3.60
N VAL D 14 28.92 2.37 4.67
CA VAL D 14 27.51 2.20 4.97
C VAL D 14 27.13 3.10 6.13
N VAL D 15 26.10 3.88 5.84
CA VAL D 15 25.50 4.83 6.75
C VAL D 15 24.17 4.26 7.23
N HIS D 16 24.16 3.96 8.50
CA HIS D 16 22.95 3.56 9.19
C HIS D 16 21.97 4.69 9.21
N LEU D 17 20.79 4.42 8.65
CA LEU D 17 19.73 5.43 8.51
C LEU D 17 18.73 5.30 9.58
N SER D 18 18.22 4.09 9.70
N SER D 18 18.19 4.10 9.68
CA SER D 18 17.19 3.81 10.70
CA SER D 18 17.19 3.81 10.71
C SER D 18 17.08 2.35 11.08
C SER D 18 17.08 2.35 11.08
N TRP D 19 16.49 2.17 12.23
CA TRP D 19 16.20 0.84 12.83
C TRP D 19 14.78 0.32 12.56
N SER D 20 13.89 1.29 12.45
CA SER D 20 12.50 1.12 12.09
C SER D 20 12.07 2.18 11.05
N PRO D 21 11.98 1.81 9.79
CA PRO D 21 12.33 0.54 9.21
C PRO D 21 13.86 0.34 9.22
N ARG D 22 14.28 -0.88 8.94
CA ARG D 22 15.73 -1.14 8.74
C ARG D 22 16.13 -0.55 7.41
N ALA D 23 16.90 0.52 7.52
CA ALA D 23 17.35 1.27 6.38
C ALA D 23 18.83 1.63 6.44
N PHE D 24 19.47 1.39 5.30
CA PHE D 24 20.93 1.58 5.13
C PHE D 24 21.33 2.25 3.83
N LEU D 25 22.28 3.17 3.97
CA LEU D 25 22.79 3.97 2.86
C LEU D 25 24.17 3.52 2.42
N LEU D 26 24.20 2.97 1.22
CA LEU D 26 25.42 2.48 0.57
C LEU D 26 25.95 3.51 -0.38
N LYS D 27 26.93 4.22 0.15
CA LYS D 27 27.65 5.27 -0.59
C LYS D 27 28.56 4.64 -1.61
N ASN D 28 28.44 5.20 -2.80
CA ASN D 28 29.23 4.82 -3.99
C ASN D 28 29.17 3.33 -4.21
N PHE D 29 27.94 2.84 -4.16
CA PHE D 29 27.65 1.44 -4.46
C PHE D 29 27.94 1.12 -5.92
N LEU D 30 27.59 2.07 -6.76
CA LEU D 30 27.88 1.95 -8.19
C LEU D 30 28.87 3.04 -8.53
N SER D 31 29.65 2.79 -9.57
CA SER D 31 30.53 3.83 -10.09
C SER D 31 29.79 4.58 -11.14
N ASP D 32 30.32 5.74 -11.48
CA ASP D 32 29.65 6.68 -12.40
C ASP D 32 29.49 6.06 -13.75
N GLU D 33 30.48 5.25 -14.03
CA GLU D 33 30.55 4.51 -15.30
C GLU D 33 29.42 3.49 -15.37
N GLU D 34 29.26 2.73 -14.30
CA GLU D 34 28.12 1.76 -14.23
C GLU D 34 26.78 2.49 -14.35
N CYS D 35 26.66 3.61 -13.66
CA CYS D 35 25.41 4.39 -13.70
C CYS D 35 25.14 4.81 -15.13
N ASP D 36 26.21 5.26 -15.75
CA ASP D 36 26.14 5.75 -17.14
C ASP D 36 25.76 4.63 -18.08
N TYR D 37 26.42 3.52 -17.84
CA TYR D 37 26.18 2.32 -18.63
C TYR D 37 24.72 1.88 -18.56
N ILE D 38 24.19 1.85 -17.35
CA ILE D 38 22.86 1.34 -17.10
C ILE D 38 21.83 2.23 -17.80
N VAL D 39 21.98 3.51 -17.54
CA VAL D 39 21.13 4.56 -18.17
C VAL D 39 21.03 4.41 -19.70
N GLU D 40 22.19 4.23 -20.30
CA GLU D 40 22.32 4.29 -21.76
C GLU D 40 21.70 3.08 -22.39
N LYS D 41 21.85 1.95 -21.70
CA LYS D 41 21.38 0.69 -22.27
C LYS D 41 19.88 0.62 -22.13
N ALA D 42 19.40 1.44 -21.21
CA ALA D 42 17.99 1.40 -20.79
C ALA D 42 17.21 2.34 -21.69
N ARG D 43 17.89 3.41 -22.04
CA ARG D 43 17.29 4.49 -22.85
C ARG D 43 16.45 3.96 -23.99
N PRO D 44 17.06 3.18 -24.90
CA PRO D 44 16.35 2.78 -26.12
C PRO D 44 15.15 1.89 -25.85
N LYS D 45 15.19 1.30 -24.68
CA LYS D 45 14.20 0.27 -24.24
C LYS D 45 13.01 0.83 -23.45
N MET D 46 13.16 2.03 -22.95
CA MET D 46 12.20 2.63 -22.03
C MET D 46 10.85 2.79 -22.71
N VAL D 47 9.83 2.30 -22.02
CA VAL D 47 8.42 2.36 -22.43
C VAL D 47 7.59 3.17 -21.44
N SER D 67 6.28 9.22 -16.39
CA SER D 67 7.41 8.34 -16.07
C SER D 67 7.37 7.08 -16.90
N THR D 68 8.57 6.59 -17.16
CA THR D 68 8.82 5.32 -17.86
C THR D 68 9.84 4.38 -17.19
N GLY D 69 9.98 3.24 -17.84
CA GLY D 69 10.88 2.18 -17.41
C GLY D 69 10.97 0.90 -18.22
N THR D 70 11.96 0.12 -17.80
CA THR D 70 12.29 -1.18 -18.40
C THR D 70 13.04 -2.10 -17.44
N TRP D 71 13.11 -3.35 -17.78
CA TRP D 71 13.80 -4.36 -16.95
C TRP D 71 14.98 -4.98 -17.68
N PHE D 72 15.98 -5.35 -16.91
CA PHE D 72 17.05 -6.21 -17.43
C PHE D 72 16.95 -7.59 -16.84
N ALA D 73 17.06 -8.56 -17.72
CA ALA D 73 17.09 -9.96 -17.35
C ALA D 73 18.28 -10.24 -16.46
N LYS D 74 18.07 -11.20 -15.58
CA LYS D 74 19.10 -11.63 -14.64
C LYS D 74 20.22 -12.23 -15.45
N GLY D 75 21.42 -11.76 -15.17
CA GLY D 75 22.65 -12.26 -15.78
C GLY D 75 22.71 -11.98 -17.26
N GLU D 76 22.02 -10.92 -17.63
CA GLU D 76 21.74 -10.59 -19.07
C GLU D 76 22.96 -10.10 -19.84
N ASP D 77 23.67 -9.20 -19.19
CA ASP D 77 24.97 -8.75 -19.68
C ASP D 77 25.96 -8.65 -18.58
N SER D 78 27.19 -8.52 -18.99
CA SER D 78 28.34 -8.68 -18.07
C SER D 78 28.52 -7.58 -17.06
N VAL D 79 28.23 -6.34 -17.42
CA VAL D 79 28.35 -5.24 -16.44
C VAL D 79 27.31 -5.32 -15.32
N ILE D 80 26.08 -5.59 -15.74
CA ILE D 80 24.95 -5.68 -14.79
C ILE D 80 25.08 -6.95 -13.93
N SER D 81 25.61 -7.99 -14.52
CA SER D 81 25.89 -9.26 -13.81
C SER D 81 26.82 -9.07 -12.58
N LYS D 82 27.73 -8.12 -12.73
CA LYS D 82 28.71 -7.84 -11.70
C LYS D 82 28.06 -7.06 -10.58
N ILE D 83 27.13 -6.21 -10.98
CA ILE D 83 26.42 -5.38 -9.99
C ILE D 83 25.47 -6.28 -9.17
N GLU D 84 24.91 -7.27 -9.86
CA GLU D 84 23.97 -8.27 -9.29
C GLU D 84 24.62 -9.14 -8.22
N LYS D 85 25.85 -9.53 -8.51
CA LYS D 85 26.69 -10.26 -7.58
C LYS D 85 27.02 -9.42 -6.35
N ARG D 86 27.22 -8.12 -6.58
CA ARG D 86 27.52 -7.15 -5.52
C ARG D 86 26.36 -6.87 -4.59
N VAL D 87 25.16 -6.92 -5.18
CA VAL D 87 23.91 -6.75 -4.37
C VAL D 87 23.72 -7.96 -3.48
N ALA D 88 23.87 -9.15 -4.04
CA ALA D 88 23.82 -10.41 -3.29
C ALA D 88 24.74 -10.39 -2.13
N GLN D 89 25.93 -9.91 -2.39
CA GLN D 89 26.97 -9.84 -1.35
C GLN D 89 26.57 -8.98 -0.17
N VAL D 90 26.11 -7.78 -0.49
CA VAL D 90 25.85 -6.80 0.55
C VAL D 90 24.57 -7.14 1.37
N THR D 91 23.61 -7.80 0.73
CA THR D 91 22.38 -8.15 1.40
C THR D 91 22.46 -9.52 2.08
N MET D 92 23.48 -10.23 1.66
CA MET D 92 23.74 -11.62 2.03
C MET D 92 22.60 -12.60 1.75
N ILE D 93 21.90 -12.33 0.65
CA ILE D 93 20.84 -13.17 0.11
C ILE D 93 21.20 -13.61 -1.32
N PRO D 94 21.25 -14.94 -1.56
CA PRO D 94 21.69 -15.44 -2.84
C PRO D 94 20.85 -14.98 -4.00
N LEU D 95 21.51 -15.00 -5.16
CA LEU D 95 21.01 -14.45 -6.44
C LEU D 95 19.68 -15.02 -6.91
N GLU D 96 19.53 -16.28 -6.62
CA GLU D 96 18.36 -17.01 -7.09
C GLU D 96 17.10 -16.39 -6.55
N ASN D 97 17.28 -15.57 -5.52
CA ASN D 97 16.12 -14.97 -4.78
C ASN D 97 15.76 -13.59 -5.32
N HIS D 98 16.62 -13.05 -6.18
CA HIS D 98 16.50 -11.68 -6.67
C HIS D 98 15.66 -11.64 -7.92
N GLU D 99 14.91 -10.55 -8.09
CA GLU D 99 14.25 -10.24 -9.37
C GLU D 99 15.33 -9.63 -10.23
N GLY D 100 15.01 -9.43 -11.49
CA GLY D 100 15.89 -8.81 -12.45
C GLY D 100 15.91 -7.34 -12.12
N LEU D 101 16.64 -6.56 -12.89
CA LEU D 101 16.88 -5.14 -12.55
C LEU D 101 15.90 -4.21 -13.21
N GLN D 102 15.20 -3.45 -12.39
CA GLN D 102 14.28 -2.45 -12.90
C GLN D 102 14.86 -1.07 -12.89
N VAL D 103 14.81 -0.47 -14.06
CA VAL D 103 15.29 0.89 -14.27
C VAL D 103 14.09 1.81 -14.58
N LEU D 104 14.10 2.91 -13.86
CA LEU D 104 13.04 3.90 -13.84
C LEU D 104 13.52 5.29 -14.14
N HIS D 105 12.79 5.88 -15.06
CA HIS D 105 12.94 7.28 -15.44
C HIS D 105 11.69 8.05 -14.98
N TYR D 106 11.91 8.87 -13.95
CA TYR D 106 10.84 9.43 -13.11
C TYR D 106 10.24 10.74 -13.59
N HIS D 107 8.96 10.64 -13.92
CA HIS D 107 8.11 11.81 -14.24
C HIS D 107 6.67 11.65 -13.78
N TYR D 112 3.00 11.44 -5.42
CA TYR D 112 3.18 10.90 -4.04
C TYR D 112 2.23 9.76 -3.77
N GLU D 113 2.80 8.58 -3.90
CA GLU D 113 2.15 7.31 -3.68
C GLU D 113 3.05 6.37 -2.88
N PRO D 114 3.32 6.73 -1.64
CA PRO D 114 4.01 5.85 -0.76
C PRO D 114 3.34 4.46 -0.75
N HIS D 115 4.15 3.44 -0.71
CA HIS D 115 3.69 2.02 -0.75
C HIS D 115 4.61 1.06 0.02
N TYR D 116 4.12 -0.15 0.21
CA TYR D 116 4.87 -1.25 0.74
C TYR D 116 5.37 -2.10 -0.40
N ASP D 117 6.54 -2.70 -0.23
CA ASP D 117 7.07 -3.64 -1.28
C ASP D 117 6.69 -5.08 -0.98
N TYR D 118 6.34 -5.32 0.26
CA TYR D 118 5.78 -6.62 0.65
C TYR D 118 4.38 -6.78 0.08
N PHE D 119 4.01 -8.04 -0.15
CA PHE D 119 2.66 -8.35 -0.66
C PHE D 119 1.68 -8.31 0.55
N HIS D 120 0.52 -7.72 0.33
CA HIS D 120 -0.47 -7.52 1.44
C HIS D 120 -1.92 -7.47 0.93
N HIS D 129 6.46 -19.13 -6.06
CA HIS D 129 7.90 -19.30 -5.78
C HIS D 129 8.61 -17.96 -5.61
N GLY D 130 9.15 -17.79 -4.43
CA GLY D 130 9.90 -16.58 -4.13
C GLY D 130 9.46 -16.05 -2.80
N GLY D 131 8.17 -16.18 -2.61
CA GLY D 131 7.46 -15.62 -1.44
C GLY D 131 7.59 -14.12 -1.33
N GLN D 132 7.58 -13.63 -0.10
CA GLN D 132 7.63 -12.18 0.19
C GLN D 132 8.92 -11.58 -0.24
N ARG D 133 8.81 -10.28 -0.49
CA ARG D 133 9.99 -9.46 -0.77
C ARG D 133 10.51 -9.03 0.60
N VAL D 134 11.80 -9.24 0.81
CA VAL D 134 12.44 -9.00 2.10
C VAL D 134 13.27 -7.75 2.18
N VAL D 135 13.92 -7.46 1.07
N VAL D 135 14.00 -7.54 1.09
CA VAL D 135 14.83 -6.33 1.02
CA VAL D 135 14.97 -6.42 0.95
C VAL D 135 14.77 -5.70 -0.37
C VAL D 135 14.77 -5.70 -0.40
N THR D 136 14.86 -4.38 -0.34
CA THR D 136 14.85 -3.53 -1.56
C THR D 136 16.17 -2.70 -1.62
N MET D 137 16.76 -2.66 -2.78
CA MET D 137 17.91 -1.72 -3.04
C MET D 137 17.54 -0.83 -4.17
N LEU D 138 17.55 0.42 -3.84
CA LEU D 138 17.24 1.50 -4.74
C LEU D 138 18.56 2.13 -5.07
N MET D 139 18.98 2.00 -6.31
CA MET D 139 20.28 2.62 -6.75
C MET D 139 20.04 3.84 -7.61
N TYR D 140 20.50 4.96 -7.10
CA TYR D 140 20.43 6.27 -7.79
C TYR D 140 21.52 6.44 -8.83
N LEU D 141 21.03 6.57 -10.04
CA LEU D 141 21.89 6.64 -11.21
C LEU D 141 22.32 8.08 -11.52
N THR D 142 21.63 8.98 -10.84
CA THR D 142 21.80 10.40 -11.05
C THR D 142 21.51 11.16 -9.76
N THR D 143 22.24 12.24 -9.67
CA THR D 143 22.16 13.16 -8.54
C THR D 143 21.14 14.21 -8.91
N VAL D 144 20.15 14.32 -8.06
CA VAL D 144 19.02 15.23 -8.22
C VAL D 144 19.16 16.42 -7.25
N GLU D 145 19.50 17.54 -7.88
CA GLU D 145 19.75 18.84 -7.21
C GLU D 145 18.69 19.25 -6.18
N GLU D 146 17.44 18.98 -6.52
CA GLU D 146 16.31 19.41 -5.68
C GLU D 146 15.05 18.55 -5.84
N GLY D 147 14.53 18.18 -4.69
CA GLY D 147 13.43 17.19 -4.55
C GLY D 147 13.86 15.82 -5.01
N GLY D 148 12.89 14.96 -5.26
CA GLY D 148 13.15 13.65 -5.84
C GLY D 148 13.59 12.63 -4.80
N GLU D 149 13.55 13.07 -3.55
CA GLU D 149 14.01 12.26 -2.44
C GLU D 149 13.06 11.07 -2.26
N THR D 150 13.64 9.94 -1.88
CA THR D 150 12.87 8.78 -1.38
C THR D 150 12.47 9.13 0.04
N VAL D 151 11.19 8.99 0.33
CA VAL D 151 10.66 9.27 1.66
C VAL D 151 9.96 8.08 2.27
N LEU D 152 10.22 7.93 3.56
CA LEU D 152 9.67 6.86 4.44
C LEU D 152 8.89 7.48 5.60
N PRO D 153 7.57 7.62 5.41
CA PRO D 153 6.69 8.36 6.24
C PRO D 153 6.47 7.84 7.61
N ASN D 154 6.49 6.53 7.67
CA ASN D 154 6.05 5.78 8.85
C ASN D 154 7.28 5.48 9.71
N ALA D 155 8.34 6.22 9.40
CA ALA D 155 9.67 6.02 9.97
C ALA D 155 9.78 6.60 11.35
N GLU D 156 10.92 6.24 11.95
CA GLU D 156 11.32 6.60 13.36
C GLU D 156 11.45 8.07 13.60
N GLN D 157 12.26 8.67 12.77
CA GLN D 157 12.56 10.12 12.84
C GLN D 157 12.64 10.76 11.47
N LYS D 158 11.77 11.73 11.29
CA LYS D 158 11.69 12.45 10.01
C LYS D 158 12.88 13.40 9.95
N VAL D 159 13.23 13.75 8.73
CA VAL D 159 14.32 14.71 8.50
C VAL D 159 13.83 16.12 8.72
N THR D 160 14.81 17.00 8.83
CA THR D 160 14.60 18.45 9.10
C THR D 160 15.65 19.28 8.40
N GLY D 161 15.34 20.55 8.38
CA GLY D 161 16.27 21.57 7.96
C GLY D 161 16.43 21.65 6.48
N ASP D 162 17.63 22.09 6.14
CA ASP D 162 18.00 22.45 4.76
C ASP D 162 18.31 21.24 3.89
N GLY D 163 17.95 21.40 2.63
CA GLY D 163 18.29 20.46 1.56
C GLY D 163 17.20 19.45 1.27
N TRP D 164 16.15 19.54 2.09
CA TRP D 164 14.99 18.65 1.99
C TRP D 164 13.74 19.38 1.57
N SER D 165 12.96 18.69 0.75
CA SER D 165 11.67 19.23 0.27
C SER D 165 10.63 19.19 1.35
N GLU D 166 9.46 19.67 0.96
CA GLU D 166 8.24 19.59 1.83
C GLU D 166 7.80 18.17 1.92
N CYS D 167 7.97 17.50 0.81
CA CYS D 167 7.62 16.10 0.69
C CYS D 167 8.58 15.23 1.52
N ALA D 168 9.87 15.55 1.42
CA ALA D 168 10.93 14.79 2.10
C ALA D 168 10.73 14.84 3.59
N LYS D 169 10.21 15.96 4.03
CA LYS D 169 10.10 16.25 5.46
C LYS D 169 8.98 15.45 6.08
N ARG D 170 8.30 14.66 5.22
CA ARG D 170 7.16 13.80 5.63
C ARG D 170 7.59 12.57 6.38
N GLY D 171 8.85 12.25 6.21
CA GLY D 171 9.42 11.10 6.92
C GLY D 171 10.92 11.11 6.94
N LEU D 172 11.49 9.95 7.21
CA LEU D 172 12.90 9.70 6.92
C LEU D 172 13.05 9.84 5.39
N ALA D 173 14.13 10.47 4.98
CA ALA D 173 14.36 10.81 3.55
C ALA D 173 15.79 10.58 3.06
N VAL D 174 15.89 10.41 1.75
CA VAL D 174 17.18 10.22 1.08
C VAL D 174 17.26 10.91 -0.26
N LYS D 175 18.35 11.61 -0.46
CA LYS D 175 18.58 12.36 -1.71
C LYS D 175 19.14 11.46 -2.77
N PRO D 176 18.59 11.52 -4.01
CA PRO D 176 19.23 10.91 -5.20
C PRO D 176 20.55 11.53 -5.57
N ILE D 177 21.56 10.71 -5.31
CA ILE D 177 23.00 10.97 -5.56
C ILE D 177 23.58 9.87 -6.39
N LYS D 178 24.06 10.25 -7.56
CA LYS D 178 24.65 9.27 -8.47
C LYS D 178 25.49 8.27 -7.71
N GLY D 179 25.19 7.00 -7.94
CA GLY D 179 26.00 5.86 -7.40
C GLY D 179 25.68 5.35 -5.98
N ASP D 180 24.90 6.14 -5.28
CA ASP D 180 24.50 5.75 -3.91
C ASP D 180 23.34 4.82 -4.04
N ALA D 181 23.22 3.90 -3.08
CA ALA D 181 22.08 2.95 -3.06
C ALA D 181 21.44 2.87 -1.70
N LEU D 182 20.11 2.94 -1.73
CA LEU D 182 19.31 2.77 -0.49
C LEU D 182 18.92 1.33 -0.37
N MET D 183 19.27 0.78 0.78
CA MET D 183 18.87 -0.56 1.23
C MET D 183 17.94 -0.56 2.46
N PHE D 184 16.75 -1.11 2.25
CA PHE D 184 15.79 -1.24 3.34
C PHE D 184 15.04 -2.58 3.29
N TYR D 185 14.62 -2.92 4.49
CA TYR D 185 13.86 -4.14 4.77
C TYR D 185 12.37 -3.91 4.85
N SER D 186 11.66 -4.76 4.15
CA SER D 186 10.20 -4.75 4.10
C SER D 186 9.58 -5.66 5.14
N LEU D 187 10.44 -6.53 5.65
CA LEU D 187 10.09 -7.55 6.70
C LEU D 187 10.97 -7.40 7.88
N LYS D 188 10.36 -7.75 8.99
CA LYS D 188 11.07 -7.80 10.24
C LYS D 188 11.99 -9.03 10.21
N PRO D 189 12.95 -9.18 11.18
CA PRO D 189 13.79 -10.37 11.17
C PRO D 189 13.09 -11.70 11.27
N ASP D 190 11.86 -11.64 11.76
CA ASP D 190 11.02 -12.82 12.02
C ASP D 190 10.05 -13.09 10.91
N GLY D 191 10.27 -12.39 9.82
CA GLY D 191 9.53 -12.56 8.59
C GLY D 191 8.19 -11.85 8.50
N SER D 192 7.76 -11.25 9.58
CA SER D 192 6.50 -10.44 9.55
C SER D 192 6.67 -9.13 8.75
N ASN D 193 5.58 -8.66 8.18
CA ASN D 193 5.58 -7.42 7.39
C ASN D 193 5.90 -6.22 8.26
N ASP D 194 6.80 -5.31 7.84
CA ASP D 194 7.11 -4.06 8.64
C ASP D 194 6.47 -2.80 8.00
N PRO D 195 5.34 -2.37 8.51
CA PRO D 195 4.72 -1.26 7.81
C PRO D 195 5.53 0.04 7.88
N ALA D 196 6.53 0.05 8.74
CA ALA D 196 7.40 1.19 8.87
C ALA D 196 8.18 1.36 7.63
N SER D 197 8.09 0.39 6.75
CA SER D 197 8.90 0.41 5.56
C SER D 197 8.20 1.14 4.42
N LEU D 198 7.07 1.77 4.74
CA LEU D 198 6.33 2.61 3.78
C LEU D 198 7.26 3.60 3.14
N HIS D 199 7.24 3.59 1.83
CA HIS D 199 8.14 4.46 1.04
C HIS D 199 7.54 4.94 -0.30
N GLY D 200 7.93 6.15 -0.61
CA GLY D 200 7.48 6.89 -1.79
C GLY D 200 8.57 7.78 -2.33
N SER D 201 8.35 8.22 -3.56
CA SER D 201 9.26 9.11 -4.31
C SER D 201 8.62 10.51 -4.33
N CYS D 202 9.43 11.50 -3.96
CA CYS D 202 8.94 12.88 -3.91
C CYS D 202 9.10 13.53 -5.29
N PRO D 203 8.24 14.49 -5.65
CA PRO D 203 8.49 15.17 -6.93
C PRO D 203 9.78 15.94 -6.98
N THR D 204 10.34 15.91 -8.18
CA THR D 204 11.61 16.51 -8.54
C THR D 204 11.35 17.96 -8.80
N LEU D 205 12.14 18.76 -8.11
CA LEU D 205 12.08 20.22 -8.16
C LEU D 205 13.12 20.75 -9.13
N LYS D 206 14.28 20.15 -9.06
CA LYS D 206 15.36 20.44 -10.00
C LYS D 206 16.23 19.24 -10.22
N GLY D 207 16.33 18.90 -11.48
CA GLY D 207 17.08 17.75 -11.90
C GLY D 207 16.19 16.76 -12.59
N ASP D 208 16.64 15.53 -12.52
CA ASP D 208 16.07 14.45 -13.32
C ASP D 208 16.49 13.12 -12.76
N LYS D 209 15.48 12.39 -12.38
CA LYS D 209 15.67 11.20 -11.54
C LYS D 209 15.79 9.92 -12.38
N TRP D 210 16.91 9.26 -12.14
CA TRP D 210 17.11 7.95 -12.68
C TRP D 210 17.50 7.03 -11.55
N SER D 211 16.79 5.92 -11.49
CA SER D 211 17.14 4.87 -10.53
C SER D 211 17.03 3.50 -11.15
N ALA D 212 17.75 2.59 -10.51
CA ALA D 212 17.69 1.14 -10.75
C ALA D 212 17.40 0.40 -9.42
N THR D 213 16.40 -0.46 -9.46
CA THR D 213 15.95 -1.09 -8.22
C THR D 213 16.01 -2.58 -8.30
N LYS D 214 16.42 -3.14 -7.17
CA LYS D 214 16.51 -4.59 -7.05
C LYS D 214 15.65 -5.06 -5.88
N TRP D 215 14.71 -5.95 -6.20
CA TRP D 215 13.83 -6.57 -5.20
C TRP D 215 14.24 -7.97 -4.98
N ILE D 216 14.39 -8.24 -3.71
CA ILE D 216 14.92 -9.52 -3.24
C ILE D 216 13.91 -10.16 -2.30
N HIS D 217 13.70 -11.44 -2.59
CA HIS D 217 12.69 -12.27 -1.93
C HIS D 217 13.28 -13.23 -0.89
N VAL D 218 12.42 -13.88 -0.15
CA VAL D 218 12.87 -14.83 0.90
C VAL D 218 13.21 -16.21 0.33
N ALA D 219 12.68 -16.50 -0.84
CA ALA D 219 12.91 -17.83 -1.53
C ALA D 219 13.29 -17.62 -2.96
N PRO D 220 13.84 -18.66 -3.64
CA PRO D 220 14.13 -18.52 -5.08
C PRO D 220 12.90 -18.13 -5.87
N ILE D 221 13.19 -17.27 -6.82
CA ILE D 221 12.23 -16.68 -7.77
C ILE D 221 11.70 -17.72 -8.78
N PRO E 4 -27.22 14.08 -31.78
CA PRO E 4 -25.91 14.41 -31.31
C PRO E 4 -26.00 15.06 -29.96
N SER E 5 -24.80 15.26 -29.45
CA SER E 5 -24.54 15.70 -28.05
C SER E 5 -24.82 17.14 -27.85
N PRO E 6 -25.43 17.45 -26.69
CA PRO E 6 -25.58 18.86 -26.40
C PRO E 6 -24.25 19.64 -26.26
N SER E 7 -24.20 20.76 -26.97
CA SER E 7 -23.06 21.67 -26.93
C SER E 7 -22.64 22.02 -25.53
N PRO E 8 -21.30 22.06 -25.26
CA PRO E 8 -20.79 22.36 -23.93
C PRO E 8 -20.93 23.79 -23.51
N SER E 9 -20.77 23.86 -22.20
CA SER E 9 -20.77 25.09 -21.40
C SER E 9 -20.03 26.23 -22.14
N PRO F 2 24.40 -34.45 14.60
CA PRO F 2 24.25 -33.10 15.17
C PRO F 2 23.99 -33.10 16.64
N SER F 3 24.99 -32.57 17.31
CA SER F 3 25.02 -32.51 18.78
C SER F 3 24.10 -31.36 19.26
N PRO F 4 23.99 -31.18 20.59
CA PRO F 4 23.10 -30.14 21.08
C PRO F 4 23.65 -28.72 20.93
N SER F 5 22.67 -27.87 20.84
CA SER F 5 22.82 -26.43 20.67
C SER F 5 23.39 -25.79 21.92
N PRO F 6 24.15 -24.70 21.75
CA PRO F 6 24.74 -24.06 22.92
C PRO F 6 23.75 -23.30 23.78
N SER F 7 23.91 -23.48 25.07
CA SER F 7 23.03 -22.85 26.07
C SER F 7 23.01 -21.34 25.91
N PRO F 8 21.83 -20.72 26.18
CA PRO F 8 21.66 -19.29 26.04
C PRO F 8 22.12 -18.40 27.13
N SER F 9 22.21 -17.16 26.68
CA SER F 9 22.60 -16.00 27.48
C SER F 9 22.35 -16.19 28.98
ZN ZN G . -28.81 14.68 -23.33
ZN ZN H . -45.00 28.44 -24.24
ZN ZN I . -35.01 15.04 -36.59
ZN ZN J . -16.69 8.86 -35.89
ZN ZN K . -9.55 22.76 -26.65
C ACY L . -30.31 16.65 -22.69
O ACY L . -31.11 15.76 -23.02
OXT ACY L . -29.06 16.45 -22.64
CH3 ACY L . -30.95 17.98 -22.44
ZN ZN M . -8.69 -0.86 2.85
ZN ZN N . -13.09 -8.17 20.81
ZN ZN O . -0.34 -1.65 -1.20
C ACY P . -10.14 -1.98 4.86
O ACY P . -10.20 -1.93 3.62
OXT ACY P . -9.31 -1.33 5.51
CH3 ACY P . -11.13 -2.89 5.53
C ACY Q . 0.05 0.23 0.15
O ACY Q . -1.11 -0.32 -0.04
OXT ACY Q . 1.09 -0.27 -0.40
CH3 ACY Q . 0.27 1.46 0.96
ZN ZN R . 27.43 -23.22 17.43
ZN ZN S . 45.98 -23.64 27.53
ZN ZN T . 11.91 -33.60 18.67
ZN ZN U . 10.45 -18.82 29.26
C ACY V . 29.42 -22.28 18.78
O ACY V . 28.25 -21.83 18.67
OXT ACY V . 29.89 -23.16 18.02
CH3 ACY V . 30.27 -21.77 19.85
ZN ZN W . 8.69 0.25 -3.38
ZN ZN X . 13.74 12.78 -17.56
C ACY Y . 10.20 1.51 -5.31
O ACY Y . 9.57 2.46 -4.78
OXT ACY Y . 10.08 0.32 -4.97
CH3 ACY Y . 11.18 1.88 -6.42
#